data_1S1N
#
_entry.id   1S1N
#
_entity_poly.entity_id   1
_entity_poly.type   'polypeptide(L)'
_entity_poly.pdbx_seq_one_letter_code
;GSESHKWSTGEEYIAVGDFTAQQVGDLTFKKGEILLVIEKKPDGWWIAKDAKGNEGLVPRTYLEPYSE
;
_entity_poly.pdbx_strand_id   A
#
# COMPACT_ATOMS: atom_id res chain seq x y z
N THR A 9 13.06 -5.20 -2.32
CA THR A 9 11.79 -5.69 -2.92
C THR A 9 10.68 -4.69 -2.58
N GLY A 10 10.91 -3.47 -2.99
CA GLY A 10 9.95 -2.38 -2.71
C GLY A 10 10.53 -1.37 -1.72
N GLU A 11 9.74 -0.36 -1.45
CA GLU A 11 10.18 0.69 -0.48
C GLU A 11 9.03 0.75 0.52
N GLU A 12 9.22 1.29 1.68
CA GLU A 12 8.05 1.29 2.61
C GLU A 12 7.57 2.68 2.93
N TYR A 13 6.27 2.74 2.88
CA TYR A 13 5.52 3.98 3.17
C TYR A 13 4.59 3.48 4.24
N ILE A 14 3.76 4.35 4.71
CA ILE A 14 2.74 3.93 5.66
C ILE A 14 1.48 4.40 4.99
N ALA A 15 0.37 3.78 5.28
CA ALA A 15 -0.86 4.31 4.65
C ALA A 15 -1.31 5.31 5.66
N VAL A 16 -1.98 6.33 5.18
CA VAL A 16 -2.54 7.38 6.06
C VAL A 16 -3.99 7.56 5.66
N GLY A 17 -4.51 6.47 5.17
CA GLY A 17 -5.96 6.41 4.83
C GLY A 17 -6.41 5.01 5.22
N ASP A 18 -7.68 4.85 5.41
CA ASP A 18 -8.19 3.50 5.77
C ASP A 18 -8.93 2.92 4.57
N PHE A 19 -8.22 2.15 3.79
CA PHE A 19 -8.85 1.55 2.58
C PHE A 19 -9.05 0.06 2.82
N THR A 20 -10.02 -0.45 2.13
CA THR A 20 -10.35 -1.89 2.22
C THR A 20 -10.35 -2.40 0.79
N ALA A 21 -10.29 -3.68 0.58
CA ALA A 21 -10.34 -4.17 -0.82
C ALA A 21 -11.80 -4.53 -1.10
N GLN A 22 -12.25 -4.11 -2.25
CA GLN A 22 -13.66 -4.39 -2.68
C GLN A 22 -13.59 -5.37 -3.83
N GLN A 23 -12.50 -5.27 -4.54
CA GLN A 23 -12.26 -6.16 -5.69
C GLN A 23 -11.04 -6.98 -5.34
N VAL A 24 -10.65 -7.80 -6.27
CA VAL A 24 -9.45 -8.65 -6.01
C VAL A 24 -8.27 -7.80 -6.48
N GLY A 25 -7.15 -8.01 -5.86
CA GLY A 25 -5.96 -7.21 -6.25
C GLY A 25 -5.58 -6.31 -5.08
N ASP A 26 -6.56 -5.60 -4.61
CA ASP A 26 -6.33 -4.66 -3.48
C ASP A 26 -6.23 -5.34 -2.11
N LEU A 27 -5.76 -4.56 -1.18
CA LEU A 27 -5.59 -5.01 0.25
C LEU A 27 -6.41 -4.11 1.18
N THR A 28 -6.35 -4.45 2.43
CA THR A 28 -7.10 -3.67 3.47
C THR A 28 -6.15 -3.12 4.54
N PHE A 29 -5.82 -1.86 4.40
CA PHE A 29 -4.93 -1.23 5.42
C PHE A 29 -5.63 -0.08 6.11
N LYS A 30 -5.01 0.38 7.17
CA LYS A 30 -5.58 1.50 7.94
C LYS A 30 -4.68 2.70 8.14
N LYS A 31 -5.39 3.79 8.07
CA LYS A 31 -4.92 5.16 8.42
C LYS A 31 -3.73 5.20 9.40
N GLY A 32 -2.57 4.95 8.87
CA GLY A 32 -1.32 5.04 9.68
C GLY A 32 -0.73 3.68 10.01
N GLU A 33 -0.56 2.86 9.01
CA GLU A 33 0.10 1.53 9.28
C GLU A 33 1.22 1.43 8.28
N ILE A 34 2.09 0.45 8.40
CA ILE A 34 3.22 0.41 7.43
C ILE A 34 2.97 -0.59 6.29
N LEU A 35 3.24 -0.11 5.11
CA LEU A 35 3.11 -0.93 3.87
C LEU A 35 4.44 -0.90 3.09
N LEU A 36 4.54 -1.78 2.12
CA LEU A 36 5.76 -1.83 1.26
C LEU A 36 5.21 -1.49 -0.12
N VAL A 37 6.00 -1.05 -1.07
CA VAL A 37 5.41 -0.74 -2.40
C VAL A 37 6.20 -1.46 -3.48
N ILE A 38 5.51 -2.04 -4.43
CA ILE A 38 6.21 -2.83 -5.47
C ILE A 38 5.47 -2.68 -6.81
N GLU A 39 5.85 -1.64 -7.49
CA GLU A 39 5.45 -1.26 -8.91
C GLU A 39 5.00 0.19 -8.89
N LYS A 40 5.14 0.87 -10.00
CA LYS A 40 4.83 2.34 -10.02
C LYS A 40 3.58 2.81 -10.78
N LYS A 41 2.77 3.48 -10.02
CA LYS A 41 1.49 4.16 -10.46
C LYS A 41 1.22 4.28 -11.97
N PRO A 42 0.77 3.20 -12.55
CA PRO A 42 0.37 3.15 -13.98
C PRO A 42 -0.90 3.99 -14.08
N ASP A 43 -1.84 3.56 -13.27
CA ASP A 43 -3.18 4.18 -13.24
C ASP A 43 -3.56 4.64 -11.85
N GLY A 44 -2.60 4.80 -10.97
CA GLY A 44 -2.94 5.21 -9.59
C GLY A 44 -2.45 4.20 -8.57
N TRP A 45 -2.27 2.97 -8.99
CA TRP A 45 -1.86 1.94 -8.01
C TRP A 45 -0.46 1.36 -8.19
N TRP A 46 0.05 0.89 -7.10
CA TRP A 46 1.40 0.30 -6.99
C TRP A 46 1.09 -1.10 -6.45
N ILE A 47 1.99 -2.06 -6.49
CA ILE A 47 1.57 -3.38 -5.91
C ILE A 47 2.25 -3.46 -4.54
N ALA A 48 1.51 -3.27 -3.49
CA ALA A 48 2.15 -3.18 -2.14
C ALA A 48 2.13 -4.45 -1.34
N LYS A 49 2.65 -4.36 -0.14
CA LYS A 49 2.64 -5.51 0.79
C LYS A 49 2.26 -4.97 2.17
N ASP A 50 1.89 -5.86 3.05
CA ASP A 50 1.53 -5.42 4.42
C ASP A 50 2.41 -6.14 5.45
N ALA A 51 2.00 -6.11 6.68
CA ALA A 51 2.79 -6.80 7.74
C ALA A 51 2.10 -8.12 8.09
N LYS A 52 1.62 -8.76 7.05
CA LYS A 52 0.96 -10.08 7.20
C LYS A 52 1.66 -11.05 6.26
N GLY A 53 2.06 -10.53 5.13
CA GLY A 53 2.76 -11.37 4.11
C GLY A 53 2.19 -11.09 2.73
N ASN A 54 0.89 -10.91 2.67
CA ASN A 54 0.26 -10.65 1.36
C ASN A 54 0.64 -9.33 0.74
N GLU A 55 0.34 -9.28 -0.53
CA GLU A 55 0.58 -8.05 -1.30
C GLU A 55 -0.69 -7.71 -2.07
N GLY A 56 -0.88 -6.43 -2.26
CA GLY A 56 -2.11 -5.95 -2.95
C GLY A 56 -1.85 -4.81 -3.92
N LEU A 57 -2.91 -4.10 -4.12
CA LEU A 57 -2.95 -2.91 -5.01
C LEU A 57 -3.28 -1.70 -4.15
N VAL A 58 -2.30 -0.91 -3.82
CA VAL A 58 -2.61 0.28 -2.98
C VAL A 58 -2.18 1.48 -3.80
N PRO A 59 -2.81 2.60 -3.61
CA PRO A 59 -2.48 3.81 -4.39
C PRO A 59 -1.28 4.49 -3.75
N ARG A 60 -0.82 5.52 -4.39
CA ARG A 60 0.33 6.27 -3.80
C ARG A 60 -0.34 7.41 -3.06
N THR A 61 -1.32 7.97 -3.72
CA THR A 61 -2.14 9.08 -3.16
C THR A 61 -2.18 9.17 -1.62
N TYR A 62 -2.53 8.09 -0.96
CA TYR A 62 -2.62 8.11 0.52
C TYR A 62 -1.53 7.23 1.14
N LEU A 63 -0.33 7.45 0.67
CA LEU A 63 0.85 6.70 1.17
C LEU A 63 1.92 7.73 1.46
N GLU A 64 2.49 7.68 2.64
CA GLU A 64 3.58 8.65 2.94
C GLU A 64 4.84 7.85 3.28
N PRO A 65 6.00 8.32 2.91
CA PRO A 65 7.26 7.60 3.17
C PRO A 65 7.44 7.39 4.68
N TYR A 66 8.28 6.46 5.05
CA TYR A 66 8.47 6.21 6.50
C TYR A 66 9.93 6.40 6.93
N SER A 67 10.11 6.42 8.23
CA SER A 67 11.46 6.58 8.82
C SER A 67 11.83 5.26 9.46
N GLU A 68 12.14 4.34 8.58
CA GLU A 68 12.53 2.94 8.93
C GLU A 68 13.11 2.79 10.34
N THR A 9 13.37 -5.71 -0.66
CA THR A 9 12.69 -5.30 -1.92
C THR A 9 11.63 -4.24 -1.57
N GLY A 10 11.15 -3.56 -2.58
CA GLY A 10 10.09 -2.55 -2.35
C GLY A 10 10.61 -1.31 -1.61
N GLU A 11 9.72 -0.39 -1.38
CA GLU A 11 10.10 0.85 -0.66
C GLU A 11 9.26 0.79 0.60
N GLU A 12 9.58 1.53 1.63
CA GLU A 12 8.72 1.44 2.85
C GLU A 12 8.04 2.77 3.14
N TYR A 13 6.74 2.69 3.08
CA TYR A 13 5.87 3.85 3.37
C TYR A 13 4.93 3.36 4.45
N ILE A 14 4.11 4.24 4.92
CA ILE A 14 3.04 3.82 5.81
C ILE A 14 1.84 4.37 5.07
N ALA A 15 0.73 3.70 5.13
CA ALA A 15 -0.44 4.25 4.39
C ALA A 15 -1.20 5.09 5.40
N VAL A 16 -1.92 6.05 4.88
CA VAL A 16 -2.73 6.94 5.75
C VAL A 16 -4.16 7.03 5.23
N GLY A 17 -4.56 5.99 4.54
CA GLY A 17 -5.96 5.93 4.05
C GLY A 17 -6.56 4.65 4.63
N ASP A 18 -7.83 4.69 4.93
CA ASP A 18 -8.47 3.49 5.54
C ASP A 18 -9.32 2.82 4.47
N PHE A 19 -8.65 2.10 3.61
CA PHE A 19 -9.38 1.42 2.50
C PHE A 19 -9.43 -0.07 2.80
N THR A 20 -10.43 -0.69 2.22
CA THR A 20 -10.65 -2.15 2.40
C THR A 20 -10.52 -2.77 1.02
N ALA A 21 -10.30 -4.05 0.94
CA ALA A 21 -10.18 -4.65 -0.41
C ALA A 21 -11.59 -4.98 -0.90
N GLN A 22 -11.74 -4.78 -2.18
CA GLN A 22 -13.04 -5.05 -2.85
C GLN A 22 -12.82 -6.23 -3.78
N GLN A 23 -11.60 -6.31 -4.25
CA GLN A 23 -11.20 -7.41 -5.17
C GLN A 23 -10.13 -8.20 -4.44
N VAL A 24 -9.69 -9.26 -5.05
CA VAL A 24 -8.59 -10.06 -4.42
C VAL A 24 -7.33 -9.54 -5.13
N GLY A 25 -7.30 -8.24 -5.20
CA GLY A 25 -6.20 -7.49 -5.83
C GLY A 25 -5.73 -6.45 -4.83
N ASP A 26 -6.72 -5.82 -4.27
CA ASP A 26 -6.50 -4.77 -3.24
C ASP A 26 -6.25 -5.39 -1.86
N LEU A 27 -5.84 -4.54 -0.94
CA LEU A 27 -5.63 -4.99 0.47
C LEU A 27 -6.52 -4.17 1.40
N THR A 28 -6.47 -4.51 2.66
CA THR A 28 -7.29 -3.82 3.68
C THR A 28 -6.40 -3.18 4.74
N PHE A 29 -6.18 -1.89 4.59
CA PHE A 29 -5.36 -1.19 5.61
C PHE A 29 -6.16 -0.09 6.31
N LYS A 30 -5.63 0.30 7.43
CA LYS A 30 -6.32 1.28 8.31
C LYS A 30 -5.66 2.61 8.61
N LYS A 31 -5.49 3.37 7.57
CA LYS A 31 -5.00 4.75 7.75
C LYS A 31 -3.95 4.98 8.84
N GLY A 32 -2.75 4.59 8.52
CA GLY A 32 -1.58 4.79 9.41
C GLY A 32 -0.94 3.47 9.82
N GLU A 33 -0.63 2.68 8.82
CA GLU A 33 0.05 1.37 9.12
C GLU A 33 1.23 1.29 8.18
N ILE A 34 2.07 0.30 8.32
CA ILE A 34 3.26 0.24 7.43
C ILE A 34 3.06 -0.68 6.23
N LEU A 35 3.27 -0.10 5.08
CA LEU A 35 3.17 -0.86 3.79
C LEU A 35 4.52 -0.88 3.07
N LEU A 36 4.62 -1.70 2.06
CA LEU A 36 5.87 -1.76 1.25
C LEU A 36 5.41 -1.36 -0.16
N VAL A 37 6.27 -0.89 -1.03
CA VAL A 37 5.79 -0.51 -2.39
C VAL A 37 6.46 -1.30 -3.51
N ILE A 38 5.65 -1.87 -4.35
CA ILE A 38 6.14 -2.75 -5.45
C ILE A 38 5.25 -2.59 -6.68
N GLU A 39 5.59 -1.62 -7.48
CA GLU A 39 5.02 -1.31 -8.84
C GLU A 39 4.67 0.18 -8.91
N LYS A 40 4.71 0.78 -10.08
CA LYS A 40 4.55 2.26 -10.16
C LYS A 40 3.37 2.85 -10.98
N LYS A 41 2.60 3.65 -10.28
CA LYS A 41 1.43 4.45 -10.78
C LYS A 41 1.24 4.60 -12.31
N PRO A 42 0.67 3.59 -12.91
CA PRO A 42 0.31 3.60 -14.34
C PRO A 42 -0.98 4.41 -14.43
N ASP A 43 -1.91 3.94 -13.65
CA ASP A 43 -3.27 4.54 -13.59
C ASP A 43 -3.60 4.99 -12.16
N GLY A 44 -2.61 5.13 -11.33
CA GLY A 44 -2.90 5.54 -9.93
C GLY A 44 -2.54 4.40 -8.98
N TRP A 45 -1.93 3.36 -9.52
CA TRP A 45 -1.61 2.19 -8.66
C TRP A 45 -0.17 1.74 -8.51
N TRP A 46 0.06 1.26 -7.33
CA TRP A 46 1.35 0.68 -6.94
C TRP A 46 0.92 -0.67 -6.37
N ILE A 47 1.79 -1.65 -6.27
CA ILE A 47 1.31 -2.91 -5.64
C ILE A 47 2.13 -3.05 -4.36
N ALA A 48 1.44 -3.01 -3.26
CA ALA A 48 2.16 -2.96 -1.95
C ALA A 48 2.13 -4.25 -1.18
N LYS A 49 2.72 -4.19 -0.01
CA LYS A 49 2.70 -5.37 0.90
C LYS A 49 2.35 -4.82 2.27
N ASP A 50 2.00 -5.68 3.18
CA ASP A 50 1.68 -5.22 4.57
C ASP A 50 2.65 -5.87 5.55
N ALA A 51 2.26 -5.93 6.79
CA ALA A 51 3.15 -6.55 7.81
C ALA A 51 2.64 -7.95 8.18
N LYS A 52 2.16 -8.63 7.17
CA LYS A 52 1.68 -10.02 7.35
C LYS A 52 2.36 -10.88 6.28
N GLY A 53 2.48 -10.29 5.12
CA GLY A 53 3.09 -11.01 3.97
C GLY A 53 2.29 -10.68 2.71
N ASN A 54 0.99 -10.64 2.84
CA ASN A 54 0.15 -10.35 1.63
C ASN A 54 0.50 -9.05 0.96
N GLU A 55 0.09 -8.99 -0.27
CA GLU A 55 0.34 -7.78 -1.08
C GLU A 55 -0.97 -7.33 -1.74
N GLY A 56 -1.03 -6.06 -2.03
CA GLY A 56 -2.27 -5.51 -2.63
C GLY A 56 -2.02 -4.56 -3.79
N LEU A 57 -3.12 -3.96 -4.14
CA LEU A 57 -3.22 -2.93 -5.19
C LEU A 57 -3.63 -1.65 -4.48
N VAL A 58 -2.65 -0.87 -4.10
CA VAL A 58 -3.00 0.37 -3.34
C VAL A 58 -2.53 1.53 -4.20
N PRO A 59 -3.08 2.69 -3.97
CA PRO A 59 -2.69 3.88 -4.73
C PRO A 59 -1.44 4.46 -4.08
N ARG A 60 -0.94 5.53 -4.65
CA ARG A 60 0.28 6.13 -4.02
C ARG A 60 -0.25 7.25 -3.15
N THR A 61 -1.17 7.95 -3.74
CA THR A 61 -1.89 9.07 -3.05
C THR A 61 -1.90 9.02 -1.51
N TYR A 62 -2.18 7.88 -0.93
CA TYR A 62 -2.19 7.81 0.57
C TYR A 62 -0.96 7.06 1.11
N LEU A 63 0.19 7.48 0.68
CA LEU A 63 1.45 6.86 1.22
C LEU A 63 2.38 7.95 1.71
N GLU A 64 2.96 7.73 2.85
CA GLU A 64 3.93 8.70 3.40
C GLU A 64 5.22 7.91 3.51
N PRO A 65 6.35 8.51 3.30
CA PRO A 65 7.64 7.78 3.38
C PRO A 65 7.83 7.29 4.81
N TYR A 66 8.64 6.28 4.98
CA TYR A 66 8.87 5.77 6.35
C TYR A 66 10.36 5.66 6.66
N SER A 67 10.67 5.51 7.92
CA SER A 67 12.08 5.38 8.35
C SER A 67 12.22 4.01 9.00
N GLU A 68 11.75 3.04 8.27
CA GLU A 68 11.76 1.60 8.69
C GLU A 68 12.85 1.24 9.70
N THR A 9 11.60 -5.06 -4.90
CA THR A 9 12.43 -3.83 -4.97
C THR A 9 11.55 -2.61 -4.61
N GLY A 10 10.98 -2.70 -3.43
CA GLY A 10 10.11 -1.59 -2.96
C GLY A 10 10.67 -0.87 -1.76
N GLU A 11 9.98 0.16 -1.38
CA GLU A 11 10.44 0.97 -0.22
C GLU A 11 9.27 0.95 0.73
N GLU A 12 9.46 1.42 1.94
CA GLU A 12 8.30 1.36 2.87
C GLU A 12 7.68 2.73 3.10
N TYR A 13 6.39 2.70 2.93
CA TYR A 13 5.54 3.89 3.15
C TYR A 13 4.59 3.41 4.20
N ILE A 14 3.70 4.26 4.61
CA ILE A 14 2.62 3.81 5.47
C ILE A 14 1.39 4.31 4.78
N ALA A 15 0.30 3.66 5.01
CA ALA A 15 -0.94 4.20 4.41
C ALA A 15 -1.38 5.14 5.49
N VAL A 16 -2.07 6.17 5.10
CA VAL A 16 -2.59 7.15 6.09
C VAL A 16 -4.08 7.32 5.84
N GLY A 17 -4.61 6.35 5.13
CA GLY A 17 -6.06 6.32 4.87
C GLY A 17 -6.51 4.90 5.20
N ASP A 18 -7.77 4.74 5.45
CA ASP A 18 -8.29 3.38 5.79
C ASP A 18 -9.09 2.80 4.64
N PHE A 19 -8.43 2.05 3.80
CA PHE A 19 -9.15 1.44 2.64
C PHE A 19 -9.32 -0.04 2.91
N THR A 20 -10.31 -0.59 2.25
CA THR A 20 -10.62 -2.02 2.37
C THR A 20 -10.48 -2.57 0.96
N ALA A 21 -10.35 -3.85 0.81
CA ALA A 21 -10.25 -4.37 -0.59
C ALA A 21 -11.67 -4.62 -1.06
N GLN A 22 -11.87 -4.26 -2.29
CA GLN A 22 -13.20 -4.41 -2.94
C GLN A 22 -13.05 -5.50 -4.00
N GLN A 23 -11.87 -5.52 -4.56
CA GLN A 23 -11.56 -6.50 -5.62
C GLN A 23 -10.48 -7.40 -5.05
N VAL A 24 -10.04 -8.32 -5.86
CA VAL A 24 -8.95 -9.23 -5.41
C VAL A 24 -7.61 -8.65 -5.88
N GLY A 25 -7.57 -7.35 -5.75
CA GLY A 25 -6.37 -6.56 -6.15
C GLY A 25 -5.81 -5.84 -4.94
N ASP A 26 -6.67 -5.12 -4.29
CA ASP A 26 -6.28 -4.35 -3.08
C ASP A 26 -6.23 -5.17 -1.80
N LEU A 27 -5.78 -4.47 -0.79
CA LEU A 27 -5.68 -5.03 0.59
C LEU A 27 -6.60 -4.22 1.50
N THR A 28 -6.64 -4.64 2.73
CA THR A 28 -7.44 -3.93 3.75
C THR A 28 -6.49 -3.39 4.80
N PHE A 29 -6.06 -2.19 4.57
CA PHE A 29 -5.12 -1.54 5.51
C PHE A 29 -5.73 -0.30 6.11
N LYS A 30 -5.10 0.13 7.16
CA LYS A 30 -5.60 1.32 7.89
C LYS A 30 -4.64 2.46 8.12
N LYS A 31 -5.29 3.57 7.98
CA LYS A 31 -4.77 4.92 8.30
C LYS A 31 -3.60 5.01 9.29
N GLY A 32 -2.45 4.69 8.79
CA GLY A 32 -1.20 4.80 9.57
C GLY A 32 -0.53 3.45 9.85
N GLU A 33 -0.38 2.65 8.83
CA GLU A 33 0.32 1.35 9.05
C GLU A 33 1.36 1.24 7.95
N ILE A 34 2.42 0.50 8.15
CA ILE A 34 3.45 0.39 7.11
C ILE A 34 3.18 -0.68 6.05
N LEU A 35 3.39 -0.26 4.83
CA LEU A 35 3.28 -1.15 3.65
C LEU A 35 4.63 -1.06 2.93
N LEU A 36 4.83 -1.91 1.95
CA LEU A 36 6.08 -1.85 1.13
C LEU A 36 5.55 -1.55 -0.26
N VAL A 37 6.29 -0.94 -1.15
CA VAL A 37 5.70 -0.59 -2.47
C VAL A 37 6.49 -1.13 -3.68
N ILE A 38 5.84 -1.95 -4.46
CA ILE A 38 6.45 -2.58 -5.64
C ILE A 38 5.50 -2.54 -6.83
N GLU A 39 5.77 -1.47 -7.51
CA GLU A 39 5.18 -1.01 -8.82
C GLU A 39 4.99 0.49 -8.73
N LYS A 40 4.96 1.17 -9.85
CA LYS A 40 4.90 2.67 -9.83
C LYS A 40 3.66 3.33 -10.47
N LYS A 41 2.71 3.68 -9.63
CA LYS A 41 1.45 4.41 -10.03
C LYS A 41 1.45 5.07 -11.41
N PRO A 42 1.08 4.27 -12.37
CA PRO A 42 0.90 4.74 -13.75
C PRO A 42 -0.37 5.59 -13.67
N ASP A 43 -1.41 4.92 -13.22
CA ASP A 43 -2.74 5.55 -13.07
C ASP A 43 -3.32 5.39 -11.66
N GLY A 44 -2.48 5.30 -10.66
CA GLY A 44 -3.00 5.17 -9.27
C GLY A 44 -2.59 3.81 -8.68
N TRP A 45 -1.70 3.12 -9.34
CA TRP A 45 -1.31 1.78 -8.82
C TRP A 45 0.14 1.33 -8.64
N TRP A 46 0.40 0.97 -7.41
CA TRP A 46 1.68 0.36 -6.98
C TRP A 46 1.18 -0.99 -6.47
N ILE A 47 2.04 -1.96 -6.27
CA ILE A 47 1.52 -3.24 -5.70
C ILE A 47 2.23 -3.31 -4.35
N ALA A 48 1.53 -3.33 -3.27
CA ALA A 48 2.24 -3.27 -1.96
C ALA A 48 2.16 -4.55 -1.16
N LYS A 49 2.83 -4.52 -0.04
CA LYS A 49 2.74 -5.63 0.94
C LYS A 49 2.46 -4.98 2.28
N ASP A 50 2.05 -5.76 3.23
CA ASP A 50 1.81 -5.18 4.59
C ASP A 50 2.66 -5.91 5.62
N ALA A 51 2.32 -5.74 6.88
CA ALA A 51 3.10 -6.42 7.94
C ALA A 51 2.34 -7.69 8.37
N LYS A 52 1.82 -8.34 7.38
CA LYS A 52 1.10 -9.62 7.57
C LYS A 52 1.69 -10.66 6.62
N GLY A 53 2.02 -10.19 5.45
CA GLY A 53 2.60 -11.07 4.40
C GLY A 53 1.89 -10.82 3.08
N ASN A 54 0.60 -10.59 3.14
CA ASN A 54 -0.17 -10.36 1.89
C ASN A 54 0.25 -9.10 1.15
N GLU A 55 -0.21 -9.07 -0.08
CA GLU A 55 0.10 -7.93 -0.97
C GLU A 55 -1.17 -7.40 -1.65
N GLY A 56 -1.13 -6.14 -2.01
CA GLY A 56 -2.30 -5.49 -2.66
C GLY A 56 -1.87 -4.65 -3.85
N LEU A 57 -2.84 -3.95 -4.35
CA LEU A 57 -2.70 -3.00 -5.50
C LEU A 57 -3.04 -1.64 -4.91
N VAL A 58 -2.09 -1.01 -4.28
CA VAL A 58 -2.41 0.24 -3.51
C VAL A 58 -1.87 1.45 -4.25
N PRO A 59 -2.45 2.59 -4.02
CA PRO A 59 -2.07 3.85 -4.70
C PRO A 59 -0.94 4.61 -3.96
N ARG A 60 -0.58 5.72 -4.55
CA ARG A 60 0.43 6.60 -3.87
C ARG A 60 -0.42 7.63 -3.16
N THR A 61 -1.43 8.06 -3.87
CA THR A 61 -2.40 9.06 -3.33
C THR A 61 -2.51 9.13 -1.80
N TYR A 62 -2.73 8.00 -1.16
CA TYR A 62 -2.89 8.00 0.33
C TYR A 62 -1.76 7.22 1.03
N LEU A 63 -0.57 7.49 0.59
CA LEU A 63 0.64 6.82 1.18
C LEU A 63 1.65 7.90 1.53
N GLU A 64 2.35 7.70 2.61
CA GLU A 64 3.43 8.65 2.99
C GLU A 64 4.69 7.82 3.22
N PRO A 65 5.86 8.38 3.07
CA PRO A 65 7.13 7.63 3.26
C PRO A 65 7.32 7.14 4.70
N TYR A 66 8.08 6.10 4.84
CA TYR A 66 8.39 5.55 6.19
C TYR A 66 9.88 5.27 6.25
N SER A 67 10.65 6.26 5.88
CA SER A 67 12.13 6.09 5.88
C SER A 67 12.65 6.76 7.13
N GLU A 68 12.21 6.17 8.22
CA GLU A 68 12.58 6.67 9.56
C GLU A 68 13.37 5.61 10.34
N THR A 9 9.72 -7.32 -0.60
CA THR A 9 10.25 -6.31 -1.56
C THR A 9 9.51 -4.99 -1.35
N GLY A 10 10.05 -3.94 -1.90
CA GLY A 10 9.41 -2.60 -1.78
C GLY A 10 10.17 -1.66 -0.87
N GLU A 11 9.62 -0.48 -0.73
CA GLU A 11 10.24 0.54 0.16
C GLU A 11 9.20 0.74 1.25
N GLU A 12 9.55 1.39 2.31
CA GLU A 12 8.53 1.50 3.40
C GLU A 12 7.88 2.86 3.42
N TYR A 13 6.59 2.77 3.30
CA TYR A 13 5.72 3.96 3.38
C TYR A 13 4.72 3.58 4.42
N ILE A 14 3.95 4.54 4.83
CA ILE A 14 2.82 4.20 5.68
C ILE A 14 1.58 4.75 5.05
N ALA A 15 0.56 3.97 5.18
CA ALA A 15 -0.72 4.46 4.62
C ALA A 15 -1.09 5.53 5.60
N VAL A 16 -1.82 6.50 5.15
CA VAL A 16 -2.26 7.59 6.06
C VAL A 16 -3.78 7.60 6.12
N GLY A 17 -4.35 6.74 5.34
CA GLY A 17 -5.84 6.61 5.35
C GLY A 17 -6.17 5.13 5.31
N ASP A 18 -7.43 4.82 5.37
CA ASP A 18 -7.82 3.38 5.31
C ASP A 18 -8.43 3.09 3.95
N PHE A 19 -7.97 2.02 3.37
CA PHE A 19 -8.53 1.59 2.07
C PHE A 19 -9.00 0.15 2.28
N THR A 20 -9.98 -0.23 1.52
CA THR A 20 -10.51 -1.61 1.63
C THR A 20 -10.46 -2.23 0.23
N ALA A 21 -10.44 -3.53 0.17
CA ALA A 21 -10.42 -4.18 -1.17
C ALA A 21 -11.87 -4.53 -1.48
N GLN A 22 -12.20 -4.30 -2.71
CA GLN A 22 -13.59 -4.57 -3.19
C GLN A 22 -13.46 -5.73 -4.16
N GLN A 23 -12.36 -5.70 -4.86
CA GLN A 23 -12.07 -6.76 -5.87
C GLN A 23 -10.81 -7.46 -5.39
N VAL A 24 -10.36 -8.36 -6.21
CA VAL A 24 -9.11 -9.08 -5.84
C VAL A 24 -7.99 -8.20 -6.40
N GLY A 25 -6.83 -8.30 -5.82
CA GLY A 25 -5.72 -7.43 -6.29
C GLY A 25 -5.38 -6.46 -5.18
N ASP A 26 -6.42 -5.87 -4.66
CA ASP A 26 -6.30 -4.88 -3.56
C ASP A 26 -6.23 -5.53 -2.17
N LEU A 27 -5.87 -4.70 -1.21
CA LEU A 27 -5.78 -5.14 0.22
C LEU A 27 -6.70 -4.27 1.07
N THR A 28 -6.80 -4.65 2.32
CA THR A 28 -7.64 -3.90 3.28
C THR A 28 -6.81 -3.47 4.49
N PHE A 29 -6.31 -2.27 4.40
CA PHE A 29 -5.45 -1.73 5.49
C PHE A 29 -5.96 -0.38 5.99
N LYS A 30 -5.40 0.01 7.11
CA LYS A 30 -5.74 1.33 7.70
C LYS A 30 -4.57 2.28 7.81
N LYS A 31 -4.98 3.48 8.06
CA LYS A 31 -4.09 4.65 8.32
C LYS A 31 -2.83 4.40 9.16
N GLY A 32 -1.88 5.26 8.90
CA GLY A 32 -0.54 5.34 9.55
C GLY A 32 -0.05 3.99 9.94
N GLU A 33 -0.15 3.14 8.96
CA GLU A 33 0.40 1.76 9.19
C GLU A 33 1.46 1.48 8.14
N ILE A 34 2.30 0.50 8.35
CA ILE A 34 3.40 0.27 7.39
C ILE A 34 3.24 -0.83 6.35
N LEU A 35 3.31 -0.33 5.13
CA LEU A 35 3.21 -1.18 3.92
C LEU A 35 4.51 -1.06 3.12
N LEU A 36 4.67 -1.91 2.16
CA LEU A 36 5.87 -1.85 1.28
C LEU A 36 5.37 -1.40 -0.07
N VAL A 37 6.24 -0.85 -0.89
CA VAL A 37 5.78 -0.37 -2.23
C VAL A 37 6.48 -1.08 -3.40
N ILE A 38 5.71 -1.77 -4.19
CA ILE A 38 6.25 -2.61 -5.28
C ILE A 38 5.39 -2.48 -6.53
N GLU A 39 5.65 -1.46 -7.29
CA GLU A 39 5.07 -1.13 -8.65
C GLU A 39 4.71 0.34 -8.66
N LYS A 40 4.77 0.95 -9.82
CA LYS A 40 4.50 2.42 -9.87
C LYS A 40 3.26 2.83 -10.68
N LYS A 41 2.43 3.55 -9.97
CA LYS A 41 1.14 4.16 -10.45
C LYS A 41 0.88 4.14 -11.96
N PRO A 42 0.48 2.99 -12.45
CA PRO A 42 0.10 2.80 -13.86
C PRO A 42 -1.20 3.57 -14.03
N ASP A 43 -2.10 3.15 -13.20
CA ASP A 43 -3.48 3.69 -13.18
C ASP A 43 -3.89 4.27 -11.83
N GLY A 44 -2.94 4.56 -10.98
CA GLY A 44 -3.32 5.09 -9.65
C GLY A 44 -2.80 4.19 -8.54
N TRP A 45 -2.61 2.93 -8.86
CA TRP A 45 -2.17 2.00 -7.78
C TRP A 45 -0.77 1.43 -8.01
N TRP A 46 -0.18 1.08 -6.90
CA TRP A 46 1.19 0.53 -6.80
C TRP A 46 0.88 -0.86 -6.25
N ILE A 47 1.81 -1.77 -6.22
CA ILE A 47 1.44 -3.11 -5.69
C ILE A 47 2.22 -3.19 -4.36
N ALA A 48 1.50 -3.14 -3.27
CA ALA A 48 2.18 -3.05 -1.94
C ALA A 48 2.13 -4.33 -1.15
N LYS A 49 2.71 -4.29 0.02
CA LYS A 49 2.66 -5.50 0.89
C LYS A 49 2.44 -5.08 2.34
N ASP A 50 2.04 -6.02 3.13
CA ASP A 50 1.81 -5.77 4.59
C ASP A 50 2.68 -6.68 5.44
N ALA A 51 2.38 -6.75 6.71
CA ALA A 51 3.20 -7.62 7.62
C ALA A 51 2.41 -8.88 7.97
N LYS A 52 1.75 -9.38 6.97
CA LYS A 52 0.97 -10.63 7.08
C LYS A 52 1.61 -11.60 6.09
N GLY A 53 1.92 -11.05 4.95
CA GLY A 53 2.55 -11.83 3.86
C GLY A 53 1.93 -11.31 2.56
N ASN A 54 0.63 -11.23 2.58
CA ASN A 54 -0.09 -10.74 1.39
C ASN A 54 0.32 -9.37 0.87
N GLU A 55 0.08 -9.21 -0.40
CA GLU A 55 0.38 -7.94 -1.07
C GLU A 55 -0.86 -7.51 -1.83
N GLY A 56 -0.97 -6.23 -2.04
CA GLY A 56 -2.19 -5.70 -2.71
C GLY A 56 -1.87 -4.65 -3.75
N LEU A 57 -2.92 -3.93 -4.02
CA LEU A 57 -2.99 -2.80 -4.98
C LEU A 57 -3.38 -1.58 -4.15
N VAL A 58 -2.41 -0.82 -3.71
CA VAL A 58 -2.76 0.35 -2.85
C VAL A 58 -2.41 1.60 -3.65
N PRO A 59 -3.09 2.69 -3.45
CA PRO A 59 -2.84 3.90 -4.25
C PRO A 59 -1.56 4.57 -3.77
N ARG A 60 -1.18 5.61 -4.45
CA ARG A 60 0.05 6.33 -4.02
C ARG A 60 -0.47 7.49 -3.21
N THR A 61 -1.53 8.05 -3.75
CA THR A 61 -2.27 9.15 -3.06
C THR A 61 -2.20 9.10 -1.52
N TYR A 62 -2.50 7.97 -0.93
CA TYR A 62 -2.48 7.87 0.57
C TYR A 62 -1.38 6.95 1.08
N LEU A 63 -0.27 7.05 0.41
CA LEU A 63 0.98 6.29 0.74
C LEU A 63 2.05 7.35 0.88
N GLU A 64 2.34 7.72 2.10
CA GLU A 64 3.38 8.75 2.27
C GLU A 64 4.59 7.97 2.81
N PRO A 65 5.77 8.40 2.48
CA PRO A 65 7.01 7.69 2.89
C PRO A 65 7.09 7.45 4.40
N TYR A 66 8.00 6.59 4.78
CA TYR A 66 8.17 6.29 6.22
C TYR A 66 9.54 6.72 6.71
N SER A 67 10.40 5.75 6.79
CA SER A 67 11.80 5.97 7.22
C SER A 67 12.72 5.41 6.16
N GLU A 68 12.39 4.19 5.89
CA GLU A 68 13.11 3.36 4.90
C GLU A 68 12.14 2.85 3.81
N THR A 9 13.18 -5.51 -2.80
CA THR A 9 11.84 -5.60 -3.42
C THR A 9 10.86 -4.63 -2.76
N GLY A 10 11.09 -3.37 -3.00
CA GLY A 10 10.18 -2.31 -2.47
C GLY A 10 10.78 -1.46 -1.37
N GLU A 11 10.05 -0.41 -1.07
CA GLU A 11 10.50 0.52 0.00
C GLU A 11 9.30 0.64 0.91
N GLU A 12 9.48 1.05 2.13
CA GLU A 12 8.26 1.09 3.00
C GLU A 12 7.76 2.51 3.23
N TYR A 13 6.47 2.55 3.06
CA TYR A 13 5.69 3.79 3.23
C TYR A 13 4.83 3.44 4.40
N ILE A 14 3.99 4.35 4.76
CA ILE A 14 3.04 4.07 5.82
C ILE A 14 1.74 4.42 5.12
N ALA A 15 0.66 3.81 5.52
CA ALA A 15 -0.60 4.20 4.85
C ALA A 15 -1.12 5.31 5.73
N VAL A 16 -1.81 6.23 5.13
CA VAL A 16 -2.38 7.34 5.94
C VAL A 16 -3.87 7.43 5.65
N GLY A 17 -4.34 6.44 4.95
CA GLY A 17 -5.79 6.35 4.67
C GLY A 17 -6.18 4.94 5.05
N ASP A 18 -7.45 4.70 5.24
CA ASP A 18 -7.88 3.32 5.60
C ASP A 18 -8.62 2.71 4.41
N PHE A 19 -7.93 1.93 3.62
CA PHE A 19 -8.61 1.31 2.46
C PHE A 19 -8.87 -0.15 2.80
N THR A 20 -9.86 -0.67 2.15
CA THR A 20 -10.24 -2.09 2.33
C THR A 20 -10.16 -2.68 0.94
N ALA A 21 -10.16 -3.98 0.81
CA ALA A 21 -10.10 -4.54 -0.57
C ALA A 21 -11.53 -4.76 -1.05
N GLN A 22 -11.66 -4.54 -2.32
CA GLN A 22 -12.96 -4.72 -3.00
C GLN A 22 -12.77 -5.90 -3.95
N GLN A 23 -11.61 -5.92 -4.52
CA GLN A 23 -11.25 -7.01 -5.46
C GLN A 23 -10.01 -7.69 -4.90
N VAL A 24 -9.79 -8.91 -5.32
CA VAL A 24 -8.57 -9.66 -4.90
C VAL A 24 -7.39 -8.69 -4.94
N GLY A 25 -7.23 -8.16 -6.12
CA GLY A 25 -6.22 -7.11 -6.40
C GLY A 25 -5.85 -6.25 -5.20
N ASP A 26 -6.85 -5.66 -4.62
CA ASP A 26 -6.66 -4.75 -3.46
C ASP A 26 -6.37 -5.45 -2.14
N LEU A 27 -5.84 -4.66 -1.25
CA LEU A 27 -5.51 -5.04 0.11
C LEU A 27 -6.34 -4.21 1.08
N THR A 28 -6.08 -4.48 2.32
CA THR A 28 -6.80 -3.81 3.42
C THR A 28 -5.84 -3.22 4.45
N PHE A 29 -5.59 -1.94 4.34
CA PHE A 29 -4.69 -1.29 5.34
C PHE A 29 -5.41 -0.15 6.03
N LYS A 30 -4.79 0.30 7.09
CA LYS A 30 -5.36 1.43 7.86
C LYS A 30 -4.50 2.66 7.99
N LYS A 31 -5.27 3.71 7.95
CA LYS A 31 -4.84 5.10 8.21
C LYS A 31 -3.74 5.24 9.28
N GLY A 32 -2.54 4.99 8.86
CA GLY A 32 -1.37 5.13 9.77
C GLY A 32 -0.73 3.77 10.08
N GLU A 33 -0.46 3.01 9.07
CA GLU A 33 0.23 1.69 9.31
C GLU A 33 1.44 1.64 8.43
N ILE A 34 2.09 0.52 8.37
CA ILE A 34 3.28 0.38 7.49
C ILE A 34 2.98 -0.54 6.29
N LEU A 35 3.43 -0.08 5.15
CA LEU A 35 3.29 -0.82 3.86
C LEU A 35 4.65 -0.95 3.17
N LEU A 36 4.70 -1.76 2.15
CA LEU A 36 5.95 -1.87 1.32
C LEU A 36 5.50 -1.52 -0.09
N VAL A 37 6.40 -1.11 -0.94
CA VAL A 37 5.96 -0.72 -2.32
C VAL A 37 6.56 -1.51 -3.44
N ILE A 38 5.68 -2.17 -4.15
CA ILE A 38 6.15 -2.94 -5.32
C ILE A 38 5.35 -2.41 -6.51
N GLU A 39 5.71 -1.20 -6.83
CA GLU A 39 5.22 -0.34 -7.95
C GLU A 39 4.75 1.01 -7.39
N LYS A 40 5.04 2.07 -8.13
CA LYS A 40 4.60 3.44 -7.75
C LYS A 40 3.72 3.96 -8.88
N LYS A 41 2.46 4.12 -8.55
CA LYS A 41 1.37 4.43 -9.52
C LYS A 41 1.67 4.90 -10.95
N PRO A 42 2.08 3.94 -11.75
CA PRO A 42 2.25 4.12 -13.20
C PRO A 42 1.04 4.90 -13.68
N ASP A 43 -0.07 4.27 -13.42
CA ASP A 43 -1.39 4.84 -13.80
C ASP A 43 -2.33 4.96 -12.60
N GLY A 44 -1.77 5.01 -11.42
CA GLY A 44 -2.62 5.12 -10.20
C GLY A 44 -2.49 3.85 -9.35
N TRP A 45 -1.66 2.93 -9.79
CA TRP A 45 -1.57 1.64 -9.05
C TRP A 45 -0.21 1.14 -8.58
N TRP A 46 -0.12 1.00 -7.28
CA TRP A 46 1.11 0.53 -6.61
C TRP A 46 0.81 -0.93 -6.26
N ILE A 47 1.80 -1.80 -6.19
CA ILE A 47 1.41 -3.18 -5.78
C ILE A 47 2.13 -3.28 -4.45
N ALA A 48 1.42 -3.14 -3.36
CA ALA A 48 2.14 -3.02 -2.06
C ALA A 48 2.03 -4.28 -1.23
N LYS A 49 2.81 -4.34 -0.18
CA LYS A 49 2.73 -5.50 0.75
C LYS A 49 2.30 -4.87 2.07
N ASP A 50 1.81 -5.67 2.97
CA ASP A 50 1.39 -5.09 4.29
C ASP A 50 2.07 -5.83 5.44
N ALA A 51 1.52 -5.65 6.61
CA ALA A 51 2.12 -6.32 7.79
C ALA A 51 1.34 -7.60 8.12
N LYS A 52 0.99 -8.29 7.08
CA LYS A 52 0.29 -9.60 7.22
C LYS A 52 1.07 -10.60 6.37
N GLY A 53 1.49 -10.13 5.22
CA GLY A 53 2.29 -10.97 4.29
C GLY A 53 1.80 -10.67 2.88
N ASN A 54 0.50 -10.69 2.75
CA ASN A 54 -0.12 -10.41 1.43
C ASN A 54 0.24 -9.06 0.82
N GLU A 55 0.01 -8.99 -0.46
CA GLU A 55 0.24 -7.73 -1.17
C GLU A 55 -0.99 -7.41 -2.00
N GLY A 56 -1.22 -6.15 -2.23
CA GLY A 56 -2.42 -5.74 -2.99
C GLY A 56 -2.17 -4.62 -3.96
N LEU A 57 -3.28 -3.99 -4.25
CA LEU A 57 -3.35 -2.84 -5.18
C LEU A 57 -3.70 -1.59 -4.38
N VAL A 58 -2.68 -0.86 -4.02
CA VAL A 58 -2.93 0.38 -3.21
C VAL A 58 -2.56 1.54 -4.14
N PRO A 59 -3.15 2.69 -3.90
CA PRO A 59 -2.92 3.91 -4.71
C PRO A 59 -1.73 4.74 -4.18
N ARG A 60 -1.52 5.85 -4.85
CA ARG A 60 -0.49 6.81 -4.35
C ARG A 60 -1.07 7.49 -3.14
N THR A 61 -2.16 8.11 -3.46
CA THR A 61 -2.99 8.91 -2.51
C THR A 61 -2.78 8.65 -1.00
N TYR A 62 -2.78 7.43 -0.57
CA TYR A 62 -2.61 7.16 0.90
C TYR A 62 -1.26 6.52 1.22
N LEU A 63 -0.23 6.96 0.53
CA LEU A 63 1.15 6.41 0.71
C LEU A 63 2.15 7.50 1.06
N GLU A 64 2.55 7.57 2.30
CA GLU A 64 3.61 8.57 2.64
C GLU A 64 4.87 7.80 3.01
N PRO A 65 6.03 8.38 2.87
CA PRO A 65 7.31 7.67 3.17
C PRO A 65 7.41 7.31 4.65
N TYR A 66 8.32 6.43 4.96
CA TYR A 66 8.53 6.01 6.37
C TYR A 66 9.99 6.27 6.75
N SER A 67 10.37 5.93 7.96
CA SER A 67 11.79 6.16 8.38
C SER A 67 12.49 4.85 8.76
N GLU A 68 12.13 3.78 8.10
CA GLU A 68 12.82 2.48 8.34
C GLU A 68 13.13 1.87 6.98
N THR A 9 12.50 -4.18 -6.73
CA THR A 9 12.14 -4.33 -5.28
C THR A 9 11.29 -3.11 -4.87
N GLY A 10 10.78 -3.15 -3.67
CA GLY A 10 9.93 -2.04 -3.18
C GLY A 10 10.55 -1.25 -2.03
N GLU A 11 9.80 -0.29 -1.55
CA GLU A 11 10.30 0.55 -0.43
C GLU A 11 9.18 0.58 0.58
N GLU A 12 9.42 1.10 1.75
CA GLU A 12 8.32 1.07 2.75
C GLU A 12 7.74 2.45 3.04
N TYR A 13 6.46 2.48 2.82
CA TYR A 13 5.64 3.69 3.02
C TYR A 13 4.66 3.26 4.07
N ILE A 14 3.82 4.17 4.47
CA ILE A 14 2.75 3.78 5.36
C ILE A 14 1.53 4.32 4.66
N ALA A 15 0.43 3.65 4.76
CA ALA A 15 -0.75 4.27 4.09
C ALA A 15 -1.40 5.08 5.18
N VAL A 16 -2.06 6.12 4.75
CA VAL A 16 -2.75 7.05 5.69
C VAL A 16 -4.18 7.20 5.23
N GLY A 17 -4.67 6.13 4.67
CA GLY A 17 -6.10 6.08 4.29
C GLY A 17 -6.64 4.78 4.87
N ASP A 18 -7.92 4.73 5.06
CA ASP A 18 -8.52 3.48 5.61
C ASP A 18 -9.24 2.75 4.49
N PHE A 19 -8.46 2.11 3.66
CA PHE A 19 -9.08 1.40 2.52
C PHE A 19 -9.12 -0.09 2.84
N THR A 20 -10.13 -0.70 2.32
CA THR A 20 -10.36 -2.15 2.52
C THR A 20 -10.35 -2.74 1.12
N ALA A 21 -10.16 -4.01 1.00
CA ALA A 21 -10.17 -4.59 -0.36
C ALA A 21 -11.60 -5.04 -0.60
N GLN A 22 -12.07 -4.72 -1.77
CA GLN A 22 -13.46 -5.10 -2.16
C GLN A 22 -13.33 -6.16 -3.24
N GLN A 23 -12.27 -6.02 -3.97
CA GLN A 23 -11.97 -6.97 -5.07
C GLN A 23 -10.69 -7.67 -4.66
N VAL A 24 -10.23 -8.54 -5.52
CA VAL A 24 -8.95 -9.23 -5.19
C VAL A 24 -7.91 -8.32 -5.81
N GLY A 25 -6.72 -8.32 -5.27
CA GLY A 25 -5.67 -7.41 -5.81
C GLY A 25 -5.33 -6.39 -4.74
N ASP A 26 -6.38 -5.83 -4.19
CA ASP A 26 -6.24 -4.81 -3.11
C ASP A 26 -6.03 -5.43 -1.73
N LEU A 27 -5.68 -4.59 -0.78
CA LEU A 27 -5.50 -5.03 0.63
C LEU A 27 -6.32 -4.15 1.59
N THR A 28 -6.24 -4.50 2.84
CA THR A 28 -7.00 -3.77 3.89
C THR A 28 -6.11 -3.18 4.99
N PHE A 29 -5.87 -1.90 4.92
CA PHE A 29 -5.06 -1.24 5.98
C PHE A 29 -5.87 -0.16 6.72
N LYS A 30 -5.31 0.27 7.82
CA LYS A 30 -6.01 1.24 8.70
C LYS A 30 -5.47 2.65 8.91
N LYS A 31 -5.42 3.38 7.85
CA LYS A 31 -5.02 4.82 7.97
C LYS A 31 -3.87 5.15 8.95
N GLY A 32 -2.69 4.81 8.51
CA GLY A 32 -1.45 5.19 9.27
C GLY A 32 -0.66 3.99 9.78
N GLU A 33 -0.39 3.08 8.89
CA GLU A 33 0.42 1.89 9.28
C GLU A 33 1.38 1.61 8.12
N ILE A 34 2.40 0.84 8.36
CA ILE A 34 3.41 0.58 7.32
C ILE A 34 3.13 -0.60 6.39
N LEU A 35 3.34 -0.31 5.13
CA LEU A 35 3.26 -1.31 4.03
C LEU A 35 4.51 -1.18 3.17
N LEU A 36 4.64 -2.05 2.21
CA LEU A 36 5.83 -2.02 1.29
C LEU A 36 5.21 -1.63 -0.05
N VAL A 37 5.94 -1.06 -0.98
CA VAL A 37 5.31 -0.69 -2.28
C VAL A 37 6.11 -1.28 -3.44
N ILE A 38 5.45 -1.85 -4.41
CA ILE A 38 6.16 -2.54 -5.50
C ILE A 38 5.41 -2.31 -6.81
N GLU A 39 5.71 -1.19 -7.39
CA GLU A 39 5.19 -0.71 -8.73
C GLU A 39 4.98 0.79 -8.64
N LYS A 40 5.05 1.44 -9.78
CA LYS A 40 4.90 2.92 -9.80
C LYS A 40 3.75 3.44 -10.66
N LYS A 41 2.86 4.07 -9.95
CA LYS A 41 1.65 4.79 -10.48
C LYS A 41 1.54 4.95 -12.00
N PRO A 42 1.06 3.90 -12.62
CA PRO A 42 0.79 3.88 -14.06
C PRO A 42 -0.54 4.60 -14.26
N ASP A 43 -1.52 4.14 -13.52
CA ASP A 43 -2.88 4.71 -13.61
C ASP A 43 -3.35 5.11 -12.20
N GLY A 44 -2.40 5.14 -11.29
CA GLY A 44 -2.76 5.48 -9.89
C GLY A 44 -2.42 4.29 -9.00
N TRP A 45 -1.76 3.30 -9.56
CA TRP A 45 -1.44 2.13 -8.70
C TRP A 45 0.00 1.70 -8.53
N TRP A 46 0.23 1.29 -7.33
CA TRP A 46 1.52 0.76 -6.90
C TRP A 46 1.10 -0.60 -6.33
N ILE A 47 1.96 -1.58 -6.23
CA ILE A 47 1.46 -2.83 -5.60
C ILE A 47 1.96 -2.64 -4.19
N ALA A 48 1.57 -3.45 -3.25
CA ALA A 48 2.15 -3.25 -1.91
C ALA A 48 2.16 -4.55 -1.16
N LYS A 49 2.71 -4.54 0.03
CA LYS A 49 2.58 -5.72 0.89
C LYS A 49 2.20 -5.20 2.26
N ASP A 50 1.64 -6.04 3.06
CA ASP A 50 1.25 -5.58 4.43
C ASP A 50 1.95 -6.38 5.51
N ALA A 51 1.42 -6.30 6.69
CA ALA A 51 2.04 -7.05 7.82
C ALA A 51 1.27 -8.35 8.07
N LYS A 52 0.86 -8.94 6.98
CA LYS A 52 0.15 -10.24 7.02
C LYS A 52 0.98 -11.22 6.20
N GLY A 53 1.51 -10.72 5.11
CA GLY A 53 2.37 -11.55 4.22
C GLY A 53 1.87 -11.50 2.78
N ASN A 54 0.79 -10.80 2.57
CA ASN A 54 0.22 -10.70 1.19
C ASN A 54 0.57 -9.40 0.49
N GLU A 55 0.13 -9.34 -0.74
CA GLU A 55 0.41 -8.14 -1.56
C GLU A 55 -0.91 -7.40 -1.85
N GLY A 56 -0.80 -6.20 -2.33
CA GLY A 56 -1.99 -5.35 -2.54
C GLY A 56 -1.90 -4.46 -3.76
N LEU A 57 -2.95 -3.71 -3.92
CA LEU A 57 -3.07 -2.70 -5.00
C LEU A 57 -3.38 -1.39 -4.31
N VAL A 58 -2.33 -0.69 -3.96
CA VAL A 58 -2.56 0.56 -3.19
C VAL A 58 -2.17 1.72 -4.09
N PRO A 59 -2.70 2.87 -3.80
CA PRO A 59 -2.40 4.09 -4.57
C PRO A 59 -1.19 4.80 -3.95
N ARG A 60 -0.82 5.89 -4.55
CA ARG A 60 0.29 6.70 -3.99
C ARG A 60 -0.38 7.80 -3.19
N THR A 61 -1.40 8.33 -3.82
CA THR A 61 -2.25 9.39 -3.20
C THR A 61 -2.28 9.38 -1.66
N TYR A 62 -2.54 8.24 -1.07
CA TYR A 62 -2.56 8.18 0.43
C TYR A 62 -1.44 7.30 0.98
N LEU A 63 -0.25 7.57 0.53
CA LEU A 63 0.96 6.83 1.02
C LEU A 63 2.04 7.86 1.33
N GLU A 64 2.68 7.68 2.46
CA GLU A 64 3.81 8.60 2.80
C GLU A 64 5.01 7.69 3.06
N PRO A 65 6.20 8.18 2.90
CA PRO A 65 7.41 7.36 3.17
C PRO A 65 7.49 7.07 4.67
N TYR A 66 8.32 6.13 5.04
CA TYR A 66 8.46 5.82 6.49
C TYR A 66 9.93 5.98 6.87
N SER A 67 10.26 5.73 8.10
CA SER A 67 11.68 5.89 8.55
C SER A 67 12.31 4.53 8.86
N GLU A 68 12.08 3.60 7.98
CA GLU A 68 12.70 2.25 8.14
C GLU A 68 13.34 1.88 6.81
N THR A 9 13.19 -5.68 -1.82
CA THR A 9 12.40 -5.15 -2.97
C THR A 9 11.56 -3.96 -2.47
N GLY A 10 11.05 -3.20 -3.41
CA GLY A 10 10.20 -2.01 -3.09
C GLY A 10 10.76 -1.06 -2.02
N GLU A 11 9.94 -0.10 -1.69
CA GLU A 11 10.32 0.90 -0.65
C GLU A 11 9.14 0.99 0.30
N GLU A 12 9.30 1.64 1.42
CA GLU A 12 8.13 1.70 2.34
C GLU A 12 7.65 3.11 2.67
N TYR A 13 6.35 3.16 2.75
CA TYR A 13 5.59 4.37 3.12
C TYR A 13 4.73 3.80 4.21
N ILE A 14 3.89 4.64 4.75
CA ILE A 14 2.88 4.13 5.66
C ILE A 14 1.63 4.76 5.13
N ALA A 15 0.54 4.11 5.35
CA ALA A 15 -0.71 4.73 4.84
C ALA A 15 -1.21 5.55 5.99
N VAL A 16 -2.00 6.55 5.67
CA VAL A 16 -2.62 7.40 6.73
C VAL A 16 -4.13 7.40 6.50
N GLY A 17 -4.52 6.55 5.59
CA GLY A 17 -5.97 6.35 5.30
C GLY A 17 -6.19 4.85 5.27
N ASP A 18 -7.43 4.44 5.26
CA ASP A 18 -7.70 2.98 5.18
C ASP A 18 -8.22 2.72 3.76
N PHE A 19 -7.90 1.56 3.25
CA PHE A 19 -8.38 1.21 1.88
C PHE A 19 -9.11 -0.11 2.05
N THR A 20 -9.96 -0.46 1.12
CA THR A 20 -10.66 -1.76 1.24
C THR A 20 -10.50 -2.52 -0.06
N ALA A 21 -10.52 -3.82 0.01
CA ALA A 21 -10.39 -4.60 -1.24
C ALA A 21 -11.78 -5.02 -1.69
N GLN A 22 -11.96 -4.91 -2.97
CA GLN A 22 -13.26 -5.26 -3.59
C GLN A 22 -13.01 -6.48 -4.48
N GLN A 23 -11.82 -6.51 -5.01
CA GLN A 23 -11.44 -7.62 -5.92
C GLN A 23 -10.36 -8.44 -5.23
N VAL A 24 -9.92 -9.46 -5.90
CA VAL A 24 -8.85 -10.31 -5.33
C VAL A 24 -7.54 -9.77 -5.91
N GLY A 25 -7.45 -8.47 -5.86
CA GLY A 25 -6.26 -7.75 -6.38
C GLY A 25 -5.75 -6.82 -5.28
N ASP A 26 -6.67 -6.02 -4.82
CA ASP A 26 -6.37 -5.01 -3.77
C ASP A 26 -6.22 -5.59 -2.36
N LEU A 27 -5.63 -4.76 -1.55
CA LEU A 27 -5.43 -4.98 -0.13
C LEU A 27 -6.34 -4.06 0.65
N THR A 28 -6.11 -4.05 1.93
CA THR A 28 -6.97 -3.23 2.82
C THR A 28 -6.21 -2.16 3.64
N PHE A 29 -5.42 -2.64 4.57
CA PHE A 29 -4.65 -1.81 5.57
C PHE A 29 -5.35 -0.57 6.14
N LYS A 30 -4.81 -0.07 7.22
CA LYS A 30 -5.40 1.13 7.84
C LYS A 30 -4.49 2.30 8.18
N LYS A 31 -5.20 3.39 8.14
CA LYS A 31 -4.76 4.74 8.59
C LYS A 31 -3.60 4.83 9.58
N GLY A 32 -2.42 4.71 9.04
CA GLY A 32 -1.18 4.90 9.86
C GLY A 32 -0.42 3.60 10.08
N GLU A 33 -0.20 2.86 9.03
CA GLU A 33 0.60 1.61 9.22
C GLU A 33 1.60 1.52 8.09
N ILE A 34 2.68 0.84 8.31
CA ILE A 34 3.70 0.74 7.26
C ILE A 34 3.38 -0.30 6.18
N LEU A 35 3.52 0.15 4.97
CA LEU A 35 3.35 -0.70 3.76
C LEU A 35 4.65 -0.69 2.97
N LEU A 36 4.79 -1.66 2.09
CA LEU A 36 6.01 -1.78 1.23
C LEU A 36 5.37 -1.57 -0.16
N VAL A 37 6.04 -1.05 -1.15
CA VAL A 37 5.34 -0.88 -2.45
C VAL A 37 6.04 -1.65 -3.56
N ILE A 38 5.26 -2.27 -4.42
CA ILE A 38 5.84 -3.10 -5.49
C ILE A 38 5.01 -3.02 -6.78
N GLU A 39 5.35 -2.02 -7.54
CA GLU A 39 4.88 -1.70 -8.94
C GLU A 39 4.61 -0.20 -8.98
N LYS A 40 4.80 0.40 -10.12
CA LYS A 40 4.70 1.90 -10.18
C LYS A 40 3.46 2.52 -10.85
N LYS A 41 2.75 3.25 -10.02
CA LYS A 41 1.54 4.06 -10.39
C LYS A 41 1.26 4.29 -11.89
N PRO A 42 0.63 3.32 -12.49
CA PRO A 42 0.18 3.38 -13.89
C PRO A 42 -1.03 4.31 -13.88
N ASP A 43 -1.96 3.90 -13.06
CA ASP A 43 -3.26 4.60 -12.91
C ASP A 43 -3.53 5.10 -11.49
N GLY A 44 -2.53 5.17 -10.67
CA GLY A 44 -2.79 5.61 -9.26
C GLY A 44 -2.42 4.48 -8.32
N TRP A 45 -2.26 3.29 -8.85
CA TRP A 45 -1.97 2.13 -7.96
C TRP A 45 -0.63 1.43 -8.18
N TRP A 46 -0.15 0.91 -7.08
CA TRP A 46 1.13 0.19 -6.96
C TRP A 46 0.70 -1.17 -6.41
N ILE A 47 1.54 -2.17 -6.37
CA ILE A 47 1.06 -3.42 -5.70
C ILE A 47 1.94 -3.57 -4.45
N ALA A 48 1.37 -3.23 -3.33
CA ALA A 48 2.13 -3.17 -2.05
C ALA A 48 2.07 -4.42 -1.22
N LYS A 49 2.76 -4.38 -0.12
CA LYS A 49 2.72 -5.50 0.85
C LYS A 49 2.31 -4.81 2.16
N ASP A 50 1.77 -5.56 3.09
CA ASP A 50 1.39 -4.95 4.39
C ASP A 50 2.05 -5.66 5.56
N ALA A 51 1.57 -5.36 6.74
CA ALA A 51 2.15 -6.00 7.95
C ALA A 51 1.25 -7.16 8.36
N LYS A 52 0.85 -7.88 7.36
CA LYS A 52 0.00 -9.10 7.55
C LYS A 52 0.78 -10.20 6.83
N GLY A 53 1.24 -9.86 5.65
CA GLY A 53 1.97 -10.84 4.81
C GLY A 53 1.49 -10.68 3.37
N ASN A 54 0.21 -10.48 3.21
CA ASN A 54 -0.31 -10.32 1.84
C ASN A 54 0.09 -9.03 1.17
N GLU A 55 -0.09 -9.03 -0.12
CA GLU A 55 0.25 -7.85 -0.93
C GLU A 55 -0.85 -7.60 -1.96
N GLY A 56 -0.98 -6.39 -2.46
CA GLY A 56 -2.06 -6.14 -3.44
C GLY A 56 -2.08 -4.70 -3.92
N LEU A 57 -3.09 -4.41 -4.68
CA LEU A 57 -3.26 -3.08 -5.32
C LEU A 57 -3.62 -1.96 -4.34
N VAL A 58 -2.63 -1.23 -3.89
CA VAL A 58 -2.90 -0.08 -2.98
C VAL A 58 -2.38 1.13 -3.74
N PRO A 59 -2.90 2.28 -3.48
CA PRO A 59 -2.47 3.51 -4.17
C PRO A 59 -1.28 4.10 -3.44
N ARG A 60 -0.73 5.13 -4.03
CA ARG A 60 0.40 5.82 -3.35
C ARG A 60 -0.17 7.12 -2.83
N THR A 61 -1.24 7.52 -3.44
CA THR A 61 -2.02 8.70 -2.98
C THR A 61 -2.05 8.88 -1.44
N TYR A 62 -2.37 7.85 -0.68
CA TYR A 62 -2.42 8.04 0.81
C TYR A 62 -1.21 7.41 1.49
N LEU A 63 -0.10 7.45 0.80
CA LEU A 63 1.18 6.87 1.30
C LEU A 63 2.24 7.95 1.43
N GLU A 64 2.67 8.11 2.65
CA GLU A 64 3.71 9.10 2.96
C GLU A 64 4.91 8.31 3.45
N PRO A 65 6.10 8.81 3.25
CA PRO A 65 7.34 8.10 3.63
C PRO A 65 7.38 7.69 5.11
N TYR A 66 8.28 6.80 5.39
CA TYR A 66 8.46 6.32 6.79
C TYR A 66 9.87 6.68 7.22
N SER A 67 10.24 6.32 8.43
CA SER A 67 11.62 6.62 8.91
C SER A 67 12.42 5.32 8.80
N GLU A 68 12.06 4.59 7.77
CA GLU A 68 12.72 3.31 7.42
C GLU A 68 14.20 3.21 7.81
N THR A 9 11.05 -5.88 -4.58
CA THR A 9 11.70 -4.64 -5.10
C THR A 9 10.82 -3.44 -4.76
N GLY A 10 10.56 -3.29 -3.50
CA GLY A 10 9.69 -2.17 -3.03
C GLY A 10 10.39 -1.24 -2.05
N GLU A 11 9.64 -0.25 -1.62
CA GLU A 11 10.20 0.74 -0.65
C GLU A 11 9.18 0.78 0.47
N GLU A 12 9.50 1.33 1.60
CA GLU A 12 8.48 1.31 2.68
C GLU A 12 7.90 2.69 2.90
N TYR A 13 6.61 2.60 3.02
CA TYR A 13 5.74 3.76 3.25
C TYR A 13 4.82 3.34 4.37
N ILE A 14 4.01 4.27 4.78
CA ILE A 14 2.97 3.92 5.74
C ILE A 14 1.76 4.45 4.99
N ALA A 15 0.65 3.78 5.07
CA ALA A 15 -0.52 4.36 4.34
C ALA A 15 -1.24 5.19 5.37
N VAL A 16 -1.90 6.20 4.89
CA VAL A 16 -2.65 7.12 5.79
C VAL A 16 -4.09 7.23 5.29
N GLY A 17 -4.50 6.23 4.58
CA GLY A 17 -5.90 6.19 4.09
C GLY A 17 -6.51 4.89 4.60
N ASP A 18 -7.80 4.89 4.75
CA ASP A 18 -8.49 3.68 5.27
C ASP A 18 -9.22 2.97 4.13
N PHE A 19 -8.48 2.20 3.38
CA PHE A 19 -9.13 1.48 2.24
C PHE A 19 -9.21 0.00 2.60
N THR A 20 -10.19 -0.62 2.02
CA THR A 20 -10.43 -2.07 2.24
C THR A 20 -10.39 -2.71 0.87
N ALA A 21 -10.17 -3.99 0.80
CA ALA A 21 -10.16 -4.61 -0.55
C ALA A 21 -11.61 -5.02 -0.81
N GLN A 22 -12.05 -4.68 -1.99
CA GLN A 22 -13.44 -4.99 -2.41
C GLN A 22 -13.36 -6.09 -3.46
N GLN A 23 -12.26 -6.04 -4.15
CA GLN A 23 -11.95 -7.03 -5.22
C GLN A 23 -10.70 -7.74 -4.72
N VAL A 24 -10.20 -8.61 -5.55
CA VAL A 24 -8.95 -9.30 -5.16
C VAL A 24 -7.83 -8.43 -5.74
N GLY A 25 -6.66 -8.54 -5.17
CA GLY A 25 -5.54 -7.70 -5.67
C GLY A 25 -5.19 -6.68 -4.59
N ASP A 26 -6.22 -6.02 -4.14
CA ASP A 26 -6.09 -4.99 -3.08
C ASP A 26 -5.97 -5.60 -1.68
N LEU A 27 -5.64 -4.75 -0.75
CA LEU A 27 -5.52 -5.16 0.69
C LEU A 27 -6.40 -4.26 1.56
N THR A 28 -6.40 -4.56 2.82
CA THR A 28 -7.21 -3.78 3.79
C THR A 28 -6.34 -3.15 4.87
N PHE A 29 -6.05 -1.89 4.71
CA PHE A 29 -5.25 -1.19 5.75
C PHE A 29 -6.09 -0.07 6.39
N LYS A 30 -5.61 0.41 7.50
CA LYS A 30 -6.38 1.40 8.29
C LYS A 30 -5.83 2.77 8.59
N LYS A 31 -5.49 3.46 7.54
CA LYS A 31 -5.04 4.86 7.73
C LYS A 31 -4.00 5.10 8.85
N GLY A 32 -2.79 4.75 8.54
CA GLY A 32 -1.63 5.00 9.46
C GLY A 32 -0.99 3.70 9.91
N GLU A 33 -0.67 2.90 8.93
CA GLU A 33 0.01 1.59 9.19
C GLU A 33 1.18 1.51 8.23
N ILE A 34 1.90 0.44 8.29
CA ILE A 34 3.14 0.29 7.47
C ILE A 34 3.03 -0.77 6.36
N LEU A 35 3.21 -0.33 5.14
CA LEU A 35 3.18 -1.26 3.97
C LEU A 35 4.49 -1.14 3.19
N LEU A 36 4.69 -2.03 2.27
CA LEU A 36 5.88 -1.95 1.37
C LEU A 36 5.22 -1.60 0.04
N VAL A 37 5.91 -0.99 -0.90
CA VAL A 37 5.20 -0.64 -2.16
C VAL A 37 6.00 -1.20 -3.33
N ILE A 38 5.32 -1.72 -4.33
CA ILE A 38 6.03 -2.39 -5.45
C ILE A 38 5.33 -2.11 -6.79
N GLU A 39 5.56 -0.95 -7.29
CA GLU A 39 5.05 -0.41 -8.61
C GLU A 39 4.67 1.06 -8.41
N LYS A 40 4.77 1.86 -9.45
CA LYS A 40 4.49 3.32 -9.32
C LYS A 40 3.27 3.77 -10.13
N LYS A 41 2.17 3.92 -9.43
CA LYS A 41 0.84 4.30 -10.00
C LYS A 41 0.71 4.78 -11.45
N PRO A 42 0.76 3.83 -12.35
CA PRO A 42 0.48 4.05 -13.77
C PRO A 42 -0.80 4.87 -13.85
N ASP A 43 -1.80 4.25 -13.30
CA ASP A 43 -3.16 4.84 -13.27
C ASP A 43 -3.65 4.97 -11.82
N GLY A 44 -2.72 5.00 -10.90
CA GLY A 44 -3.11 5.13 -9.47
C GLY A 44 -2.76 3.87 -8.69
N TRP A 45 -2.00 2.97 -9.27
CA TRP A 45 -1.67 1.74 -8.49
C TRP A 45 -0.22 1.31 -8.26
N TRP A 46 -0.01 0.92 -7.03
CA TRP A 46 1.31 0.43 -6.57
C TRP A 46 0.97 -0.99 -6.13
N ILE A 47 1.90 -1.92 -6.13
CA ILE A 47 1.50 -3.26 -5.61
C ILE A 47 2.21 -3.38 -4.28
N ALA A 48 1.45 -3.42 -3.21
CA ALA A 48 2.10 -3.33 -1.87
C ALA A 48 2.09 -4.63 -1.12
N LYS A 49 2.68 -4.62 0.04
CA LYS A 49 2.62 -5.81 0.91
C LYS A 49 2.28 -5.32 2.30
N ASP A 50 1.80 -6.21 3.12
CA ASP A 50 1.50 -5.80 4.52
C ASP A 50 2.36 -6.60 5.51
N ALA A 51 1.94 -6.64 6.75
CA ALA A 51 2.74 -7.40 7.76
C ALA A 51 2.07 -8.75 8.00
N LYS A 52 1.66 -9.31 6.91
CA LYS A 52 1.03 -10.66 6.88
C LYS A 52 1.84 -11.44 5.85
N GLY A 53 2.10 -10.77 4.76
CA GLY A 53 2.85 -11.38 3.64
C GLY A 53 2.16 -11.04 2.33
N ASN A 54 0.86 -11.09 2.36
CA ASN A 54 0.08 -10.79 1.13
C ASN A 54 0.38 -9.46 0.44
N GLU A 55 -0.08 -9.45 -0.78
CA GLU A 55 0.06 -8.29 -1.68
C GLU A 55 -1.18 -7.46 -1.88
N GLY A 56 -0.92 -6.24 -2.26
CA GLY A 56 -2.01 -5.24 -2.40
C GLY A 56 -1.93 -4.42 -3.67
N LEU A 57 -2.90 -3.55 -3.74
CA LEU A 57 -3.05 -2.58 -4.86
C LEU A 57 -3.30 -1.23 -4.18
N VAL A 58 -2.22 -0.55 -3.91
CA VAL A 58 -2.19 0.71 -3.16
C VAL A 58 -2.15 1.96 -4.05
N PRO A 59 -2.72 3.05 -3.63
CA PRO A 59 -2.57 4.30 -4.37
C PRO A 59 -1.36 5.06 -3.78
N ARG A 60 -0.75 5.91 -4.56
CA ARG A 60 0.38 6.71 -3.99
C ARG A 60 -0.26 7.74 -3.11
N THR A 61 -1.18 8.40 -3.76
CA THR A 61 -2.02 9.47 -3.12
C THR A 61 -2.11 9.40 -1.59
N TYR A 62 -2.34 8.22 -1.06
CA TYR A 62 -2.47 8.11 0.42
C TYR A 62 -1.32 7.31 1.07
N LEU A 63 -0.11 7.68 0.72
CA LEU A 63 1.08 7.03 1.35
C LEU A 63 2.02 8.14 1.81
N GLU A 64 2.83 7.80 2.77
CA GLU A 64 3.89 8.73 3.24
C GLU A 64 5.16 7.88 3.24
N PRO A 65 6.28 8.43 2.86
CA PRO A 65 7.55 7.65 2.86
C PRO A 65 7.88 7.32 4.31
N TYR A 66 8.63 6.27 4.52
CA TYR A 66 8.98 5.91 5.92
C TYR A 66 10.49 5.69 6.05
N SER A 67 10.95 5.43 7.24
CA SER A 67 12.41 5.22 7.44
C SER A 67 12.70 3.84 8.04
N GLU A 68 11.86 2.90 7.72
CA GLU A 68 12.07 1.50 8.20
C GLU A 68 11.88 0.60 6.97
N THR A 9 11.67 -6.17 -1.24
CA THR A 9 10.89 -5.87 -2.47
C THR A 9 9.99 -4.67 -2.18
N GLY A 10 10.45 -3.51 -2.55
CA GLY A 10 9.68 -2.27 -2.29
C GLY A 10 10.34 -1.43 -1.22
N GLU A 11 9.73 -0.31 -0.95
CA GLU A 11 10.28 0.58 0.11
C GLU A 11 9.11 0.66 1.06
N GLU A 12 9.32 1.01 2.30
CA GLU A 12 8.14 1.01 3.19
C GLU A 12 7.61 2.41 3.39
N TYR A 13 6.33 2.46 3.17
CA TYR A 13 5.54 3.69 3.36
C TYR A 13 4.59 3.28 4.41
N ILE A 14 3.85 4.22 4.91
CA ILE A 14 2.81 3.84 5.85
C ILE A 14 1.56 4.47 5.27
N ALA A 15 0.46 3.80 5.36
CA ALA A 15 -0.76 4.43 4.79
C ALA A 15 -1.20 5.40 5.84
N VAL A 16 -1.91 6.40 5.39
CA VAL A 16 -2.46 7.43 6.31
C VAL A 16 -3.93 7.62 5.99
N GLY A 17 -4.42 6.75 5.15
CA GLY A 17 -5.87 6.76 4.80
C GLY A 17 -6.37 5.34 5.04
N ASP A 18 -7.65 5.19 5.21
CA ASP A 18 -8.20 3.83 5.45
C ASP A 18 -8.99 3.29 4.26
N PHE A 19 -8.33 2.50 3.48
CA PHE A 19 -9.01 1.89 2.30
C PHE A 19 -9.15 0.40 2.57
N THR A 20 -10.17 -0.17 1.98
CA THR A 20 -10.45 -1.61 2.16
C THR A 20 -10.46 -2.24 0.78
N ALA A 21 -10.23 -3.53 0.71
CA ALA A 21 -10.27 -4.19 -0.62
C ALA A 21 -11.74 -4.50 -0.87
N GLN A 22 -12.30 -3.73 -1.75
CA GLN A 22 -13.74 -3.88 -2.11
C GLN A 22 -13.76 -4.68 -3.41
N GLN A 23 -12.61 -4.69 -4.01
CA GLN A 23 -12.40 -5.46 -5.27
C GLN A 23 -11.28 -6.42 -4.88
N VAL A 24 -11.01 -7.40 -5.69
CA VAL A 24 -9.93 -8.34 -5.32
C VAL A 24 -8.65 -7.80 -5.95
N GLY A 25 -7.53 -8.16 -5.39
CA GLY A 25 -6.25 -7.62 -5.93
C GLY A 25 -5.70 -6.65 -4.90
N ASP A 26 -6.63 -5.91 -4.39
CA ASP A 26 -6.36 -4.86 -3.38
C ASP A 26 -6.20 -5.45 -1.98
N LEU A 27 -5.72 -4.64 -1.07
CA LEU A 27 -5.57 -5.06 0.35
C LEU A 27 -6.43 -4.16 1.23
N THR A 28 -6.45 -4.48 2.50
CA THR A 28 -7.23 -3.69 3.49
C THR A 28 -6.28 -3.10 4.51
N PHE A 29 -5.93 -1.87 4.26
CA PHE A 29 -5.00 -1.16 5.18
C PHE A 29 -5.64 0.08 5.78
N LYS A 30 -5.02 0.56 6.82
CA LYS A 30 -5.54 1.75 7.50
C LYS A 30 -4.58 2.89 7.73
N LYS A 31 -5.27 3.96 7.94
CA LYS A 31 -4.74 5.28 8.32
C LYS A 31 -3.63 5.26 9.39
N GLY A 32 -2.47 4.91 8.94
CA GLY A 32 -1.26 4.90 9.82
C GLY A 32 -0.73 3.49 10.07
N GLU A 33 -0.54 2.74 9.02
CA GLU A 33 0.04 1.36 9.23
C GLU A 33 1.16 1.23 8.22
N ILE A 34 2.00 0.24 8.31
CA ILE A 34 3.15 0.20 7.35
C ILE A 34 3.14 -0.93 6.31
N LEU A 35 3.25 -0.48 5.08
CA LEU A 35 3.26 -1.37 3.88
C LEU A 35 4.59 -1.24 3.12
N LEU A 36 4.76 -2.04 2.08
CA LEU A 36 5.95 -1.91 1.19
C LEU A 36 5.41 -1.47 -0.16
N VAL A 37 6.23 -0.90 -1.01
CA VAL A 37 5.72 -0.39 -2.31
C VAL A 37 6.40 -1.01 -3.54
N ILE A 38 5.63 -1.59 -4.43
CA ILE A 38 6.21 -2.32 -5.58
C ILE A 38 5.41 -2.10 -6.88
N GLU A 39 5.60 -0.96 -7.48
CA GLU A 39 5.00 -0.50 -8.79
C GLU A 39 4.58 0.96 -8.64
N LYS A 40 4.60 1.75 -9.69
CA LYS A 40 4.29 3.22 -9.58
C LYS A 40 3.04 3.71 -10.34
N LYS A 41 1.96 3.88 -9.60
CA LYS A 41 0.63 4.30 -10.15
C LYS A 41 0.48 4.87 -11.56
N PRO A 42 0.48 3.97 -12.51
CA PRO A 42 0.17 4.28 -13.92
C PRO A 42 -1.11 5.11 -13.90
N ASP A 43 -2.11 4.47 -13.36
CA ASP A 43 -3.45 5.08 -13.24
C ASP A 43 -3.91 5.08 -11.79
N GLY A 44 -2.95 5.01 -10.89
CA GLY A 44 -3.27 5.01 -9.44
C GLY A 44 -2.93 3.67 -8.80
N TRP A 45 -2.11 2.88 -9.45
CA TRP A 45 -1.74 1.58 -8.81
C TRP A 45 -0.27 1.18 -8.60
N TRP A 46 -0.02 0.86 -7.36
CA TRP A 46 1.30 0.38 -6.92
C TRP A 46 0.96 -1.02 -6.39
N ILE A 47 1.93 -1.90 -6.28
CA ILE A 47 1.58 -3.22 -5.71
C ILE A 47 2.35 -3.28 -4.40
N ALA A 48 1.62 -3.29 -3.33
CA ALA A 48 2.27 -3.19 -1.99
C ALA A 48 2.23 -4.49 -1.22
N LYS A 49 2.81 -4.48 -0.06
CA LYS A 49 2.72 -5.64 0.84
C LYS A 49 2.47 -5.14 2.25
N ASP A 50 2.15 -6.04 3.13
CA ASP A 50 1.93 -5.62 4.55
C ASP A 50 2.89 -6.40 5.46
N ALA A 51 2.61 -6.37 6.74
CA ALA A 51 3.48 -7.08 7.69
C ALA A 51 2.81 -8.40 8.06
N LYS A 52 2.24 -9.00 7.05
CA LYS A 52 1.59 -10.33 7.20
C LYS A 52 2.18 -11.26 6.14
N GLY A 53 2.44 -10.68 5.00
CA GLY A 53 3.00 -11.46 3.87
C GLY A 53 2.26 -11.12 2.57
N ASN A 54 0.98 -10.91 2.67
CA ASN A 54 0.21 -10.62 1.43
C ASN A 54 0.60 -9.33 0.75
N GLU A 55 0.15 -9.26 -0.47
CA GLU A 55 0.41 -8.08 -1.31
C GLU A 55 -0.92 -7.53 -1.84
N GLY A 56 -0.90 -6.27 -2.20
CA GLY A 56 -2.13 -5.63 -2.70
C GLY A 56 -1.86 -4.77 -3.92
N LEU A 57 -2.92 -4.12 -4.29
CA LEU A 57 -2.96 -3.17 -5.43
C LEU A 57 -3.43 -1.85 -4.83
N VAL A 58 -2.50 -1.13 -4.26
CA VAL A 58 -2.87 0.13 -3.54
C VAL A 58 -2.25 1.33 -4.25
N PRO A 59 -2.84 2.48 -4.11
CA PRO A 59 -2.36 3.72 -4.77
C PRO A 59 -1.21 4.38 -4.01
N ARG A 60 -0.75 5.48 -4.55
CA ARG A 60 0.33 6.23 -3.83
C ARG A 60 -0.42 7.20 -2.97
N THR A 61 -1.32 7.85 -3.65
CA THR A 61 -2.23 8.88 -3.07
C THR A 61 -2.41 8.87 -1.54
N TYR A 62 -2.67 7.74 -0.95
CA TYR A 62 -2.90 7.71 0.52
C TYR A 62 -1.75 7.06 1.29
N LEU A 63 -0.55 7.39 0.88
CA LEU A 63 0.67 6.87 1.56
C LEU A 63 1.60 8.03 1.88
N GLU A 64 2.45 7.79 2.84
CA GLU A 64 3.53 8.75 3.12
C GLU A 64 4.79 7.89 3.23
N PRO A 65 5.94 8.44 2.93
CA PRO A 65 7.20 7.68 3.03
C PRO A 65 7.48 7.41 4.50
N TYR A 66 8.40 6.51 4.75
CA TYR A 66 8.75 6.17 6.15
C TYR A 66 10.24 6.49 6.28
N SER A 67 10.91 5.94 7.26
CA SER A 67 12.35 6.26 7.41
C SER A 67 13.21 5.19 6.75
N GLU A 68 12.81 4.83 5.55
CA GLU A 68 13.58 3.84 4.76
C GLU A 68 13.82 4.43 3.36
N THR A 9 12.31 -3.75 -6.84
CA THR A 9 12.09 -3.88 -5.37
C THR A 9 11.18 -2.74 -4.89
N GLY A 10 10.71 -2.86 -3.68
CA GLY A 10 9.82 -1.82 -3.12
C GLY A 10 10.43 -1.11 -1.91
N GLU A 11 9.68 -0.16 -1.39
CA GLU A 11 10.19 0.60 -0.21
C GLU A 11 9.05 0.69 0.78
N GLU A 12 9.32 1.33 1.88
CA GLU A 12 8.25 1.45 2.91
C GLU A 12 7.67 2.84 3.09
N TYR A 13 6.37 2.84 2.98
CA TYR A 13 5.58 4.07 3.22
C TYR A 13 4.67 3.62 4.33
N ILE A 14 3.86 4.52 4.79
CA ILE A 14 2.81 4.12 5.71
C ILE A 14 1.59 4.64 4.98
N ALA A 15 0.48 4.01 5.21
CA ALA A 15 -0.73 4.54 4.55
C ALA A 15 -1.23 5.47 5.61
N VAL A 16 -1.95 6.49 5.19
CA VAL A 16 -2.55 7.42 6.19
C VAL A 16 -4.05 7.49 5.94
N GLY A 17 -4.49 6.49 5.21
CA GLY A 17 -5.95 6.33 4.95
C GLY A 17 -6.22 4.84 5.07
N ASP A 18 -7.47 4.48 5.19
CA ASP A 18 -7.80 3.03 5.27
C ASP A 18 -8.39 2.69 3.90
N PHE A 19 -8.12 1.52 3.42
CA PHE A 19 -8.65 1.13 2.08
C PHE A 19 -9.43 -0.17 2.27
N THR A 20 -10.10 -0.61 1.24
CA THR A 20 -10.84 -1.90 1.34
C THR A 20 -10.50 -2.77 0.15
N ALA A 21 -10.59 -4.06 0.34
CA ALA A 21 -10.31 -4.98 -0.80
C ALA A 21 -11.65 -5.56 -1.23
N GLN A 22 -11.95 -5.34 -2.49
CA GLN A 22 -13.23 -5.83 -3.06
C GLN A 22 -12.92 -6.96 -4.03
N GLN A 23 -11.68 -6.98 -4.44
CA GLN A 23 -11.21 -8.02 -5.40
C GLN A 23 -10.03 -8.74 -4.77
N VAL A 24 -9.54 -9.73 -5.45
CA VAL A 24 -8.39 -10.51 -4.90
C VAL A 24 -7.13 -9.91 -5.53
N GLY A 25 -7.07 -8.62 -5.42
CA GLY A 25 -5.92 -7.84 -5.95
C GLY A 25 -5.44 -6.87 -4.88
N ASP A 26 -6.42 -6.22 -4.33
CA ASP A 26 -6.18 -5.20 -3.29
C ASP A 26 -6.12 -5.75 -1.86
N LEU A 27 -5.69 -4.87 -1.00
CA LEU A 27 -5.61 -5.15 0.46
C LEU A 27 -6.54 -4.16 1.13
N THR A 28 -6.56 -4.21 2.42
CA THR A 28 -7.46 -3.29 3.18
C THR A 28 -6.63 -2.22 3.89
N PHE A 29 -5.76 -2.69 4.75
CA PHE A 29 -4.89 -1.85 5.64
C PHE A 29 -5.51 -0.57 6.24
N LYS A 30 -4.84 -0.07 7.25
CA LYS A 30 -5.34 1.14 7.94
C LYS A 30 -4.46 2.37 8.06
N LYS A 31 -5.23 3.41 7.96
CA LYS A 31 -4.83 4.81 8.22
C LYS A 31 -3.69 5.01 9.23
N GLY A 32 -2.51 4.85 8.74
CA GLY A 32 -1.29 5.10 9.57
C GLY A 32 -0.50 3.83 9.87
N GLU A 33 -0.25 3.01 8.87
CA GLU A 33 0.58 1.79 9.17
C GLU A 33 1.54 1.55 8.02
N ILE A 34 2.64 0.93 8.28
CA ILE A 34 3.61 0.70 7.18
C ILE A 34 3.24 -0.41 6.21
N LEU A 35 3.35 -0.03 4.96
CA LEU A 35 3.12 -0.95 3.82
C LEU A 35 4.41 -0.95 2.98
N LEU A 36 4.49 -1.88 2.06
CA LEU A 36 5.69 -1.97 1.18
C LEU A 36 5.11 -1.60 -0.18
N VAL A 37 5.82 -0.97 -1.09
CA VAL A 37 5.18 -0.64 -2.39
C VAL A 37 5.99 -1.22 -3.56
N ILE A 38 5.30 -1.75 -4.54
CA ILE A 38 5.97 -2.46 -5.66
C ILE A 38 5.20 -2.27 -6.96
N GLU A 39 5.43 -1.14 -7.57
CA GLU A 39 4.86 -0.67 -8.89
C GLU A 39 4.52 0.81 -8.76
N LYS A 40 4.52 1.57 -9.84
CA LYS A 40 4.30 3.06 -9.72
C LYS A 40 3.05 3.62 -10.44
N LYS A 41 2.03 3.84 -9.66
CA LYS A 41 0.69 4.33 -10.13
C LYS A 41 0.48 4.89 -11.54
N PRO A 42 0.41 3.98 -12.49
CA PRO A 42 0.02 4.29 -13.87
C PRO A 42 -1.23 5.16 -13.80
N ASP A 43 -2.21 4.57 -13.19
CA ASP A 43 -3.53 5.22 -13.02
C ASP A 43 -3.87 5.33 -11.52
N GLY A 44 -2.88 5.24 -10.69
CA GLY A 44 -3.10 5.33 -9.22
C GLY A 44 -2.80 3.99 -8.56
N TRP A 45 -2.13 3.10 -9.25
CA TRP A 45 -1.83 1.80 -8.60
C TRP A 45 -0.38 1.29 -8.51
N TRP A 46 -0.05 0.98 -7.29
CA TRP A 46 1.26 0.43 -6.93
C TRP A 46 0.86 -0.93 -6.37
N ILE A 47 1.76 -1.87 -6.28
CA ILE A 47 1.33 -3.15 -5.66
C ILE A 47 1.85 -2.94 -4.25
N ALA A 48 1.46 -3.72 -3.29
CA ALA A 48 2.06 -3.46 -1.96
C ALA A 48 2.13 -4.71 -1.14
N LYS A 49 2.61 -4.57 0.07
CA LYS A 49 2.61 -5.72 1.00
C LYS A 49 2.17 -5.18 2.35
N ASP A 50 1.78 -6.06 3.22
CA ASP A 50 1.38 -5.62 4.59
C ASP A 50 2.41 -6.15 5.58
N ALA A 51 2.03 -6.20 6.84
CA ALA A 51 3.00 -6.69 7.87
C ALA A 51 2.59 -8.07 8.36
N LYS A 52 2.06 -8.84 7.44
CA LYS A 52 1.68 -10.25 7.76
C LYS A 52 2.31 -11.09 6.65
N GLY A 53 1.80 -10.91 5.47
CA GLY A 53 2.35 -11.64 4.30
C GLY A 53 1.85 -11.04 2.97
N ASN A 54 0.57 -11.19 2.77
CA ASN A 54 -0.14 -10.71 1.55
C ASN A 54 0.31 -9.41 0.87
N GLU A 55 -0.11 -9.33 -0.37
CA GLU A 55 0.20 -8.15 -1.21
C GLU A 55 -1.11 -7.47 -1.64
N GLY A 56 -0.99 -6.22 -2.02
CA GLY A 56 -2.20 -5.44 -2.40
C GLY A 56 -2.03 -4.62 -3.68
N LEU A 57 -3.02 -3.80 -3.85
CA LEU A 57 -3.13 -2.83 -4.97
C LEU A 57 -3.45 -1.49 -4.31
N VAL A 58 -2.41 -0.82 -3.89
CA VAL A 58 -2.63 0.46 -3.14
C VAL A 58 -2.12 1.61 -4.00
N PRO A 59 -2.62 2.78 -3.77
CA PRO A 59 -2.20 3.99 -4.52
C PRO A 59 -1.04 4.62 -3.76
N ARG A 60 -0.43 5.62 -4.32
CA ARG A 60 0.64 6.29 -3.52
C ARG A 60 0.03 7.56 -2.99
N THR A 61 -0.80 8.12 -3.81
CA THR A 61 -1.60 9.33 -3.41
C THR A 61 -1.84 9.47 -1.90
N TYR A 62 -2.23 8.41 -1.24
CA TYR A 62 -2.51 8.51 0.23
C TYR A 62 -1.48 7.76 1.09
N LEU A 63 -0.23 7.94 0.72
CA LEU A 63 0.88 7.29 1.47
C LEU A 63 1.89 8.36 1.85
N GLU A 64 2.56 8.11 2.94
CA GLU A 64 3.67 9.02 3.35
C GLU A 64 4.89 8.11 3.47
N PRO A 65 6.07 8.59 3.23
CA PRO A 65 7.29 7.74 3.31
C PRO A 65 7.57 7.32 4.75
N TYR A 66 8.33 6.28 4.93
CA TYR A 66 8.69 5.84 6.31
C TYR A 66 10.21 5.72 6.36
N SER A 67 10.80 5.92 7.51
CA SER A 67 12.28 5.87 7.58
C SER A 67 12.80 4.98 8.73
N GLU A 68 12.28 3.79 8.82
CA GLU A 68 12.76 2.85 9.87
C GLU A 68 13.12 1.51 9.22
N THR A 9 9.86 -7.65 -0.68
CA THR A 9 10.49 -6.52 -1.41
C THR A 9 9.58 -5.28 -1.30
N GLY A 10 10.05 -4.19 -1.85
CA GLY A 10 9.28 -2.92 -1.78
C GLY A 10 10.04 -1.87 -1.00
N GLU A 11 9.46 -0.71 -0.90
CA GLU A 11 10.13 0.40 -0.17
C GLU A 11 9.21 0.68 1.01
N GLU A 12 9.66 1.40 2.00
CA GLU A 12 8.74 1.62 3.16
C GLU A 12 8.03 2.95 3.14
N TYR A 13 6.74 2.79 3.09
CA TYR A 13 5.80 3.91 3.18
C TYR A 13 4.95 3.50 4.35
N ILE A 14 4.07 4.37 4.76
CA ILE A 14 3.13 3.99 5.79
C ILE A 14 1.80 4.36 5.15
N ALA A 15 0.75 3.71 5.54
CA ALA A 15 -0.54 4.11 4.94
C ALA A 15 -0.97 5.27 5.77
N VAL A 16 -1.73 6.14 5.18
CA VAL A 16 -2.28 7.30 5.92
C VAL A 16 -3.77 7.43 5.63
N GLY A 17 -4.26 6.45 4.90
CA GLY A 17 -5.72 6.43 4.58
C GLY A 17 -6.21 5.04 4.90
N ASP A 18 -7.45 4.92 5.28
CA ASP A 18 -7.96 3.57 5.66
C ASP A 18 -8.79 3.03 4.50
N PHE A 19 -8.12 2.30 3.65
CA PHE A 19 -8.82 1.73 2.46
C PHE A 19 -8.98 0.23 2.63
N THR A 20 -10.02 -0.26 2.02
CA THR A 20 -10.33 -1.72 2.09
C THR A 20 -10.33 -2.24 0.66
N ALA A 21 -10.16 -3.52 0.49
CA ALA A 21 -10.17 -4.04 -0.90
C ALA A 21 -11.60 -4.21 -1.37
N GLN A 22 -11.72 -4.08 -2.66
CA GLN A 22 -13.03 -4.22 -3.33
C GLN A 22 -12.92 -5.48 -4.17
N GLN A 23 -11.73 -5.67 -4.68
CA GLN A 23 -11.44 -6.86 -5.53
C GLN A 23 -10.31 -7.61 -4.84
N VAL A 24 -10.00 -8.79 -5.34
CA VAL A 24 -8.87 -9.52 -4.72
C VAL A 24 -7.61 -8.67 -4.84
N GLY A 25 -7.43 -8.17 -6.04
CA GLY A 25 -6.29 -7.27 -6.37
C GLY A 25 -5.81 -6.42 -5.19
N ASP A 26 -6.71 -5.61 -4.70
CA ASP A 26 -6.37 -4.67 -3.60
C ASP A 26 -6.28 -5.34 -2.23
N LEU A 27 -5.76 -4.58 -1.31
CA LEU A 27 -5.62 -5.04 0.11
C LEU A 27 -6.46 -4.17 1.04
N THR A 28 -6.45 -4.56 2.28
CA THR A 28 -7.20 -3.82 3.34
C THR A 28 -6.26 -3.33 4.43
N PHE A 29 -5.89 -2.08 4.30
CA PHE A 29 -4.97 -1.46 5.28
C PHE A 29 -5.64 -0.25 5.93
N LYS A 30 -4.98 0.26 6.94
CA LYS A 30 -5.52 1.44 7.65
C LYS A 30 -4.76 2.71 7.36
N LYS A 31 -5.03 3.61 8.24
CA LYS A 31 -4.53 5.01 8.23
C LYS A 31 -3.45 5.26 9.28
N GLY A 32 -2.25 5.03 8.85
CA GLY A 32 -1.06 5.27 9.72
C GLY A 32 -0.43 3.95 10.14
N GLU A 33 -0.19 3.10 9.17
CA GLU A 33 0.47 1.80 9.50
C GLU A 33 1.65 1.65 8.58
N ILE A 34 2.43 0.62 8.72
CA ILE A 34 3.60 0.48 7.82
C ILE A 34 3.37 -0.57 6.72
N LEU A 35 3.46 -0.08 5.51
CA LEU A 35 3.28 -0.96 4.30
C LEU A 35 4.54 -0.88 3.42
N LEU A 36 4.68 -1.82 2.52
CA LEU A 36 5.85 -1.78 1.59
C LEU A 36 5.25 -1.46 0.23
N VAL A 37 6.00 -0.91 -0.69
CA VAL A 37 5.38 -0.62 -2.01
C VAL A 37 6.21 -1.24 -3.13
N ILE A 38 5.53 -1.82 -4.09
CA ILE A 38 6.21 -2.56 -5.18
C ILE A 38 5.48 -2.28 -6.50
N GLU A 39 5.85 -1.16 -7.05
CA GLU A 39 5.39 -0.61 -8.37
C GLU A 39 5.14 0.87 -8.21
N LYS A 40 5.33 1.60 -9.28
CA LYS A 40 5.13 3.08 -9.22
C LYS A 40 3.99 3.53 -10.13
N LYS A 41 2.99 4.05 -9.46
CA LYS A 41 1.75 4.62 -10.09
C LYS A 41 1.71 4.74 -11.62
N PRO A 42 1.48 3.63 -12.28
CA PRO A 42 1.31 3.60 -13.74
C PRO A 42 -0.01 4.30 -14.02
N ASP A 43 -1.01 3.76 -13.37
CA ASP A 43 -2.40 4.27 -13.54
C ASP A 43 -3.05 4.65 -12.20
N GLY A 44 -2.26 4.98 -11.21
CA GLY A 44 -2.87 5.34 -9.90
C GLY A 44 -2.45 4.33 -8.84
N TRP A 45 -2.00 3.18 -9.28
CA TRP A 45 -1.64 2.13 -8.30
C TRP A 45 -0.18 1.69 -8.22
N TRP A 46 0.10 1.14 -7.08
CA TRP A 46 1.44 0.66 -6.71
C TRP A 46 1.10 -0.77 -6.23
N ILE A 47 2.04 -1.68 -6.11
CA ILE A 47 1.60 -3.02 -5.59
C ILE A 47 2.27 -3.19 -4.22
N ALA A 48 1.51 -3.08 -3.17
CA ALA A 48 2.12 -3.07 -1.79
C ALA A 48 2.00 -4.38 -1.04
N LYS A 49 2.62 -4.41 0.12
CA LYS A 49 2.49 -5.57 1.04
C LYS A 49 2.05 -5.02 2.39
N ASP A 50 1.60 -5.91 3.22
CA ASP A 50 1.13 -5.50 4.58
C ASP A 50 1.91 -6.25 5.66
N ALA A 51 1.34 -6.32 6.83
CA ALA A 51 2.04 -7.02 7.95
C ALA A 51 1.49 -8.43 8.15
N LYS A 52 1.19 -9.04 7.03
CA LYS A 52 0.71 -10.45 7.01
C LYS A 52 1.63 -11.21 6.05
N GLY A 53 1.87 -10.56 4.95
CA GLY A 53 2.72 -11.16 3.89
C GLY A 53 2.05 -10.82 2.56
N ASN A 54 0.76 -10.96 2.53
CA ASN A 54 0.03 -10.64 1.28
C ASN A 54 0.31 -9.25 0.72
N GLU A 55 0.09 -9.17 -0.56
CA GLU A 55 0.32 -7.90 -1.28
C GLU A 55 -0.92 -7.52 -2.09
N GLY A 56 -1.08 -6.25 -2.35
CA GLY A 56 -2.28 -5.81 -3.11
C GLY A 56 -1.99 -4.64 -4.03
N LEU A 57 -3.05 -4.21 -4.65
CA LEU A 57 -3.07 -3.05 -5.56
C LEU A 57 -3.45 -1.84 -4.71
N VAL A 58 -2.49 -1.13 -4.16
CA VAL A 58 -2.88 0.04 -3.32
C VAL A 58 -2.40 1.28 -4.05
N PRO A 59 -3.12 2.37 -3.91
CA PRO A 59 -2.80 3.63 -4.62
C PRO A 59 -1.66 4.38 -3.94
N ARG A 60 -1.31 5.50 -4.52
CA ARG A 60 -0.24 6.33 -3.91
C ARG A 60 -0.99 7.19 -2.91
N THR A 61 -2.07 7.73 -3.40
CA THR A 61 -2.97 8.59 -2.56
C THR A 61 -2.87 8.40 -1.03
N TYR A 62 -2.96 7.18 -0.57
CA TYR A 62 -2.90 6.93 0.91
C TYR A 62 -1.63 6.18 1.32
N LEU A 63 -0.56 6.61 0.74
CA LEU A 63 0.80 6.03 1.00
C LEU A 63 1.82 7.15 1.05
N GLU A 64 2.32 7.42 2.22
CA GLU A 64 3.37 8.48 2.32
C GLU A 64 4.66 7.75 2.66
N PRO A 65 5.79 8.30 2.30
CA PRO A 65 7.10 7.64 2.55
C PRO A 65 7.33 7.41 4.05
N TYR A 66 8.29 6.58 4.38
CA TYR A 66 8.54 6.32 5.83
C TYR A 66 10.01 6.55 6.20
N SER A 67 10.23 6.54 7.49
CA SER A 67 11.58 6.72 8.06
C SER A 67 11.91 5.49 8.93
N GLU A 68 12.17 4.39 8.28
CA GLU A 68 12.49 3.16 9.08
C GLU A 68 13.95 3.18 9.52
N THR A 9 12.18 -5.08 -5.23
CA THR A 9 11.19 -4.53 -4.27
C THR A 9 11.01 -3.03 -4.52
N GLY A 10 10.19 -2.45 -3.70
CA GLY A 10 9.92 -0.99 -3.79
C GLY A 10 10.40 -0.30 -2.54
N GLU A 11 9.80 0.82 -2.31
CA GLU A 11 10.21 1.64 -1.14
C GLU A 11 9.12 1.53 -0.08
N GLU A 12 9.42 1.97 1.12
CA GLU A 12 8.40 1.81 2.20
C GLU A 12 7.84 3.13 2.68
N TYR A 13 6.57 2.97 2.91
CA TYR A 13 5.66 4.05 3.34
C TYR A 13 4.85 3.53 4.49
N ILE A 14 3.99 4.38 4.96
CA ILE A 14 2.96 3.96 5.90
C ILE A 14 1.72 4.51 5.26
N ALA A 15 0.61 3.99 5.67
CA ALA A 15 -0.65 4.48 5.06
C ALA A 15 -1.05 5.60 5.97
N VAL A 16 -1.85 6.50 5.45
CA VAL A 16 -2.38 7.60 6.29
C VAL A 16 -3.90 7.62 6.17
N GLY A 17 -4.39 6.70 5.37
CA GLY A 17 -5.86 6.57 5.20
C GLY A 17 -6.22 5.09 5.35
N ASP A 18 -7.48 4.82 5.52
CA ASP A 18 -7.92 3.40 5.64
C ASP A 18 -8.63 3.01 4.34
N PHE A 19 -8.13 1.99 3.71
CA PHE A 19 -8.76 1.54 2.44
C PHE A 19 -9.17 0.07 2.59
N THR A 20 -10.14 -0.30 1.80
CA THR A 20 -10.65 -1.69 1.81
C THR A 20 -10.54 -2.19 0.38
N ALA A 21 -10.58 -3.48 0.19
CA ALA A 21 -10.50 -3.99 -1.20
C ALA A 21 -11.91 -4.16 -1.74
N GLN A 22 -12.01 -3.88 -3.00
CA GLN A 22 -13.30 -3.96 -3.73
C GLN A 22 -13.16 -5.09 -4.73
N GLN A 23 -11.95 -5.22 -5.21
CA GLN A 23 -11.63 -6.27 -6.20
C GLN A 23 -10.70 -7.27 -5.52
N VAL A 24 -10.35 -8.30 -6.23
CA VAL A 24 -9.42 -9.31 -5.65
C VAL A 24 -8.04 -8.89 -6.16
N GLY A 25 -7.80 -7.62 -5.98
CA GLY A 25 -6.54 -6.99 -6.43
C GLY A 25 -5.96 -6.17 -5.28
N ASP A 26 -6.82 -5.37 -4.73
CA ASP A 26 -6.43 -4.48 -3.62
C ASP A 26 -6.34 -5.23 -2.28
N LEU A 27 -5.90 -4.51 -1.29
CA LEU A 27 -5.82 -5.05 0.10
C LEU A 27 -6.77 -4.26 0.99
N THR A 28 -6.86 -4.72 2.20
CA THR A 28 -7.72 -4.06 3.21
C THR A 28 -6.84 -3.65 4.38
N PHE A 29 -6.35 -2.46 4.28
CA PHE A 29 -5.44 -1.92 5.32
C PHE A 29 -6.00 -0.65 5.93
N LYS A 30 -5.37 -0.23 7.00
CA LYS A 30 -5.79 1.01 7.66
C LYS A 30 -4.76 2.10 7.47
N LYS A 31 -4.95 3.06 8.32
CA LYS A 31 -4.16 4.30 8.38
C LYS A 31 -3.00 4.15 9.35
N GLY A 32 -2.01 4.97 9.10
CA GLY A 32 -0.77 5.00 9.90
C GLY A 32 -0.21 3.59 9.97
N GLU A 33 -0.20 2.95 8.83
CA GLU A 33 0.37 1.56 8.84
C GLU A 33 1.39 1.29 7.74
N ILE A 34 2.52 0.78 8.16
CA ILE A 34 3.60 0.51 7.19
C ILE A 34 3.25 -0.46 6.06
N LEU A 35 3.34 0.06 4.86
CA LEU A 35 3.14 -0.75 3.63
C LEU A 35 4.44 -0.71 2.83
N LEU A 36 4.67 -1.70 2.01
CA LEU A 36 5.89 -1.70 1.15
C LEU A 36 5.37 -1.53 -0.26
N VAL A 37 6.20 -1.08 -1.16
CA VAL A 37 5.71 -0.90 -2.56
C VAL A 37 6.36 -1.93 -3.46
N ILE A 38 5.65 -2.34 -4.45
CA ILE A 38 6.29 -3.23 -5.45
C ILE A 38 5.66 -2.97 -6.82
N GLU A 39 6.03 -1.86 -7.38
CA GLU A 39 5.68 -1.31 -8.73
C GLU A 39 5.44 0.19 -8.51
N LYS A 40 5.42 0.97 -9.57
CA LYS A 40 5.30 2.45 -9.42
C LYS A 40 4.00 3.11 -9.93
N LYS A 41 3.03 3.17 -9.06
CA LYS A 41 1.69 3.82 -9.30
C LYS A 41 1.53 4.63 -10.59
N PRO A 42 1.39 3.90 -11.67
CA PRO A 42 1.15 4.47 -13.01
C PRO A 42 0.11 5.56 -12.87
N ASP A 43 -0.98 5.10 -12.33
CA ASP A 43 -2.14 5.98 -12.09
C ASP A 43 -2.61 5.87 -10.64
N GLY A 44 -1.77 5.31 -9.80
CA GLY A 44 -2.14 5.13 -8.39
C GLY A 44 -2.29 3.63 -8.14
N TRP A 45 -1.61 2.83 -8.91
CA TRP A 45 -1.71 1.37 -8.69
C TRP A 45 -0.40 0.58 -8.69
N TRP A 46 0.11 0.34 -7.51
CA TRP A 46 1.39 -0.42 -7.34
C TRP A 46 1.07 -1.73 -6.68
N ILE A 47 2.03 -2.60 -6.59
CA ILE A 47 1.66 -3.89 -5.94
C ILE A 47 2.37 -3.85 -4.60
N ALA A 48 1.62 -3.73 -3.54
CA ALA A 48 2.27 -3.53 -2.21
C ALA A 48 2.15 -4.72 -1.30
N LYS A 49 2.68 -4.53 -0.13
CA LYS A 49 2.59 -5.57 0.93
C LYS A 49 2.27 -4.83 2.22
N ASP A 50 1.87 -5.54 3.22
CA ASP A 50 1.61 -4.86 4.54
C ASP A 50 2.48 -5.42 5.66
N ALA A 51 1.98 -5.43 6.87
CA ALA A 51 2.84 -5.89 8.01
C ALA A 51 2.51 -7.30 8.50
N LYS A 52 1.84 -8.07 7.70
CA LYS A 52 1.59 -9.49 8.05
C LYS A 52 2.13 -10.37 6.93
N GLY A 53 2.20 -9.84 5.74
CA GLY A 53 2.75 -10.63 4.60
C GLY A 53 1.96 -10.48 3.31
N ASN A 54 0.66 -10.34 3.40
CA ASN A 54 -0.10 -10.25 2.13
C ASN A 54 0.27 -9.06 1.28
N GLU A 55 -0.12 -9.17 0.04
CA GLU A 55 0.17 -8.10 -0.94
C GLU A 55 -1.11 -7.69 -1.69
N GLY A 56 -1.10 -6.48 -2.16
CA GLY A 56 -2.30 -5.95 -2.89
C GLY A 56 -1.93 -5.03 -4.02
N LEU A 57 -2.93 -4.27 -4.38
CA LEU A 57 -2.85 -3.19 -5.41
C LEU A 57 -3.28 -1.91 -4.69
N VAL A 58 -2.38 -0.99 -4.47
CA VAL A 58 -2.80 0.23 -3.69
C VAL A 58 -2.39 1.50 -4.39
N PRO A 59 -3.00 2.60 -3.99
CA PRO A 59 -2.65 3.94 -4.46
C PRO A 59 -1.76 4.65 -3.44
N ARG A 60 -0.77 5.34 -3.94
CA ARG A 60 0.13 6.06 -2.98
C ARG A 60 -0.60 7.33 -2.64
N THR A 61 -1.49 7.73 -3.50
CA THR A 61 -2.41 8.87 -3.17
C THR A 61 -2.63 9.07 -1.65
N TYR A 62 -2.84 7.99 -0.92
CA TYR A 62 -3.03 8.11 0.56
C TYR A 62 -1.89 7.45 1.35
N LEU A 63 -0.68 7.80 0.99
CA LEU A 63 0.55 7.23 1.65
C LEU A 63 1.55 8.33 1.98
N GLU A 64 2.33 8.06 2.99
CA GLU A 64 3.46 8.97 3.33
C GLU A 64 4.70 8.08 3.52
N PRO A 65 5.87 8.60 3.31
CA PRO A 65 7.11 7.80 3.46
C PRO A 65 7.33 7.35 4.91
N TYR A 66 8.22 6.40 5.07
CA TYR A 66 8.53 5.90 6.45
C TYR A 66 10.04 5.98 6.66
N SER A 67 10.47 5.63 7.84
CA SER A 67 11.93 5.63 8.13
C SER A 67 12.33 4.18 8.44
N GLU A 68 11.90 3.32 7.55
CA GLU A 68 12.16 1.85 7.62
C GLU A 68 13.48 1.52 8.33
N THR A 9 11.38 -5.88 -5.15
CA THR A 9 11.29 -5.45 -3.73
C THR A 9 10.53 -4.13 -3.64
N GLY A 10 10.16 -3.77 -2.44
CA GLY A 10 9.42 -2.49 -2.25
C GLY A 10 10.17 -1.54 -1.35
N GLU A 11 9.60 -0.38 -1.17
CA GLU A 11 10.27 0.65 -0.32
C GLU A 11 9.31 0.84 0.85
N GLU A 12 9.75 1.47 1.90
CA GLU A 12 8.84 1.59 3.07
C GLU A 12 8.04 2.87 3.09
N TYR A 13 6.76 2.63 3.13
CA TYR A 13 5.74 3.69 3.22
C TYR A 13 4.90 3.33 4.43
N ILE A 14 4.03 4.23 4.79
CA ILE A 14 3.07 3.89 5.82
C ILE A 14 1.74 4.29 5.20
N ALA A 15 0.69 3.63 5.56
CA ALA A 15 -0.61 4.06 4.99
C ALA A 15 -1.04 5.13 5.93
N VAL A 16 -1.78 6.07 5.41
CA VAL A 16 -2.32 7.18 6.25
C VAL A 16 -3.79 7.33 5.93
N GLY A 17 -4.35 6.26 5.43
CA GLY A 17 -5.80 6.27 5.14
C GLY A 17 -6.34 4.88 5.45
N ASP A 18 -7.63 4.80 5.64
CA ASP A 18 -8.23 3.48 5.93
C ASP A 18 -8.99 3.03 4.69
N PHE A 19 -8.23 2.53 3.76
CA PHE A 19 -8.85 2.07 2.47
C PHE A 19 -8.99 0.56 2.54
N THR A 20 -10.00 0.10 1.85
CA THR A 20 -10.32 -1.35 1.84
C THR A 20 -10.26 -1.87 0.41
N ALA A 21 -10.07 -3.14 0.25
CA ALA A 21 -10.04 -3.68 -1.14
C ALA A 21 -11.49 -3.80 -1.59
N GLN A 22 -11.69 -3.36 -2.79
CA GLN A 22 -13.05 -3.39 -3.40
C GLN A 22 -13.01 -4.36 -4.56
N GLN A 23 -11.83 -4.45 -5.12
CA GLN A 23 -11.59 -5.37 -6.26
C GLN A 23 -10.62 -6.42 -5.74
N VAL A 24 -10.29 -7.35 -6.59
CA VAL A 24 -9.32 -8.38 -6.15
C VAL A 24 -7.96 -7.82 -6.54
N GLY A 25 -6.95 -8.16 -5.80
CA GLY A 25 -5.61 -7.59 -6.13
C GLY A 25 -5.21 -6.61 -5.03
N ASP A 26 -6.20 -5.84 -4.66
CA ASP A 26 -6.02 -4.80 -3.62
C ASP A 26 -6.02 -5.36 -2.20
N LEU A 27 -5.63 -4.51 -1.27
CA LEU A 27 -5.59 -4.89 0.18
C LEU A 27 -6.46 -3.91 0.99
N THR A 28 -6.49 -4.20 2.26
CA THR A 28 -7.22 -3.34 3.22
C THR A 28 -6.23 -2.84 4.27
N PHE A 29 -5.78 -1.62 4.08
CA PHE A 29 -4.81 -1.07 5.06
C PHE A 29 -5.40 0.09 5.82
N LYS A 30 -4.73 0.43 6.89
CA LYS A 30 -5.23 1.51 7.77
C LYS A 30 -4.30 2.69 8.02
N LYS A 31 -5.03 3.73 8.27
CA LYS A 31 -4.53 5.06 8.72
C LYS A 31 -3.32 5.02 9.67
N GLY A 32 -2.19 4.76 9.11
CA GLY A 32 -0.92 4.77 9.89
C GLY A 32 -0.36 3.38 10.15
N GLU A 33 -0.17 2.62 9.10
CA GLU A 33 0.46 1.28 9.30
C GLU A 33 1.67 1.27 8.40
N ILE A 34 2.46 0.24 8.45
CA ILE A 34 3.65 0.22 7.56
C ILE A 34 3.54 -0.87 6.48
N LEU A 35 3.82 -0.46 5.27
CA LEU A 35 3.79 -1.40 4.12
C LEU A 35 4.93 -1.18 3.11
N LEU A 36 5.02 -2.05 2.14
CA LEU A 36 6.10 -1.91 1.10
C LEU A 36 5.51 -1.62 -0.27
N VAL A 37 6.29 -0.97 -1.11
CA VAL A 37 5.79 -0.58 -2.46
C VAL A 37 6.52 -1.24 -3.62
N ILE A 38 5.85 -2.19 -4.21
CA ILE A 38 6.44 -2.98 -5.31
C ILE A 38 5.63 -2.73 -6.57
N GLU A 39 5.95 -1.58 -7.08
CA GLU A 39 5.51 -0.98 -8.37
C GLU A 39 5.40 0.53 -8.19
N LYS A 40 5.48 1.22 -9.30
CA LYS A 40 5.44 2.70 -9.27
C LYS A 40 4.24 3.26 -10.02
N LYS A 41 3.29 3.65 -9.21
CA LYS A 41 1.98 4.27 -9.64
C LYS A 41 1.86 4.57 -11.13
N PRO A 42 1.63 3.51 -11.87
CA PRO A 42 1.45 3.57 -13.33
C PRO A 42 0.14 4.30 -13.56
N ASP A 43 -0.84 3.71 -12.95
CA ASP A 43 -2.23 4.20 -13.06
C ASP A 43 -2.85 4.58 -11.71
N GLY A 44 -2.04 4.82 -10.71
CA GLY A 44 -2.65 5.16 -9.41
C GLY A 44 -2.28 4.08 -8.41
N TRP A 45 -2.05 2.88 -8.87
CA TRP A 45 -1.73 1.81 -7.89
C TRP A 45 -0.35 1.20 -8.04
N TRP A 46 0.14 0.79 -6.92
CA TRP A 46 1.47 0.13 -6.79
C TRP A 46 1.09 -1.28 -6.39
N ILE A 47 2.03 -2.19 -6.32
CA ILE A 47 1.62 -3.54 -5.82
C ILE A 47 2.40 -3.67 -4.52
N ALA A 48 1.67 -3.72 -3.45
CA ALA A 48 2.34 -3.64 -2.11
C ALA A 48 2.26 -4.87 -1.25
N LYS A 49 2.95 -4.82 -0.16
CA LYS A 49 2.83 -5.92 0.83
C LYS A 49 2.38 -5.14 2.03
N ASP A 50 1.48 -5.66 2.81
CA ASP A 50 1.01 -4.84 3.97
C ASP A 50 1.47 -5.41 5.31
N ALA A 51 0.81 -5.02 6.36
CA ALA A 51 1.21 -5.52 7.69
C ALA A 51 0.51 -6.84 8.04
N LYS A 52 0.26 -7.60 7.00
CA LYS A 52 -0.33 -8.96 7.14
C LYS A 52 0.63 -9.91 6.45
N GLY A 53 1.09 -9.48 5.30
CA GLY A 53 2.03 -10.28 4.48
C GLY A 53 1.52 -10.29 3.04
N ASN A 54 0.23 -10.40 2.91
CA ASN A 54 -0.37 -10.45 1.54
C ASN A 54 -0.03 -9.25 0.65
N GLU A 55 -0.34 -9.45 -0.60
CA GLU A 55 -0.10 -8.41 -1.64
C GLU A 55 -1.29 -7.55 -2.01
N GLY A 56 -0.95 -6.36 -2.41
CA GLY A 56 -2.00 -5.37 -2.74
C GLY A 56 -1.78 -4.63 -4.03
N LEU A 57 -2.70 -3.74 -4.21
CA LEU A 57 -2.73 -2.78 -5.33
C LEU A 57 -3.01 -1.48 -4.60
N VAL A 58 -2.01 -0.94 -3.97
CA VAL A 58 -2.26 0.25 -3.11
C VAL A 58 -1.73 1.51 -3.77
N PRO A 59 -2.47 2.58 -3.66
CA PRO A 59 -2.13 3.85 -4.32
C PRO A 59 -1.29 4.81 -3.50
N ARG A 60 -0.98 5.90 -4.13
CA ARG A 60 -0.26 6.99 -3.40
C ARG A 60 -1.33 7.85 -2.80
N THR A 61 -2.39 7.97 -3.56
CA THR A 61 -3.58 8.72 -3.04
C THR A 61 -3.80 8.57 -1.52
N TYR A 62 -3.61 7.37 -1.00
CA TYR A 62 -3.82 7.14 0.47
C TYR A 62 -2.55 6.79 1.25
N LEU A 63 -1.42 6.84 0.61
CA LEU A 63 -0.13 6.55 1.32
C LEU A 63 0.86 7.71 1.33
N GLU A 64 1.77 7.59 2.27
CA GLU A 64 2.91 8.53 2.40
C GLU A 64 4.16 7.65 2.56
N PRO A 65 5.32 8.16 2.26
CA PRO A 65 6.58 7.40 2.41
C PRO A 65 6.89 7.21 3.91
N TYR A 66 7.90 6.44 4.19
CA TYR A 66 8.27 6.21 5.63
C TYR A 66 9.76 6.51 5.79
N SER A 67 10.26 6.31 6.99
CA SER A 67 11.71 6.55 7.23
C SER A 67 12.32 5.20 7.62
N GLU A 68 11.96 4.20 6.86
CA GLU A 68 12.50 2.83 7.11
C GLU A 68 13.05 2.32 5.77
N THR A 9 12.66 -6.26 -2.88
CA THR A 9 12.48 -5.02 -3.68
C THR A 9 11.39 -4.17 -3.04
N GLY A 10 11.29 -2.94 -3.48
CA GLY A 10 10.24 -2.02 -2.94
C GLY A 10 10.80 -0.92 -2.07
N GLU A 11 9.91 -0.03 -1.74
CA GLU A 11 10.22 1.11 -0.83
C GLU A 11 9.09 1.11 0.16
N GLU A 12 9.31 1.49 1.39
CA GLU A 12 8.16 1.48 2.33
C GLU A 12 7.68 2.87 2.64
N TYR A 13 6.39 2.91 2.73
CA TYR A 13 5.63 4.13 3.01
C TYR A 13 4.84 3.71 4.22
N ILE A 14 4.05 4.62 4.70
CA ILE A 14 3.16 4.25 5.79
C ILE A 14 1.82 4.67 5.23
N ALA A 15 0.79 3.98 5.58
CA ALA A 15 -0.51 4.43 5.03
C ALA A 15 -0.96 5.47 6.02
N VAL A 16 -1.78 6.37 5.55
CA VAL A 16 -2.34 7.42 6.43
C VAL A 16 -3.86 7.36 6.31
N GLY A 17 -4.32 6.45 5.49
CA GLY A 17 -5.78 6.26 5.33
C GLY A 17 -6.09 4.77 5.40
N ASP A 18 -7.35 4.46 5.57
CA ASP A 18 -7.79 3.04 5.62
C ASP A 18 -8.47 2.77 4.28
N PHE A 19 -8.35 1.57 3.75
CA PHE A 19 -9.04 1.30 2.46
C PHE A 19 -9.68 -0.08 2.52
N THR A 20 -10.37 -0.43 1.47
CA THR A 20 -11.01 -1.78 1.39
C THR A 20 -10.68 -2.37 0.03
N ALA A 21 -10.80 -3.67 -0.11
CA ALA A 21 -10.57 -4.27 -1.45
C ALA A 21 -11.96 -4.50 -2.02
N GLN A 22 -12.14 -4.06 -3.22
CA GLN A 22 -13.47 -4.19 -3.90
C GLN A 22 -13.31 -5.27 -4.96
N GLN A 23 -12.11 -5.35 -5.44
CA GLN A 23 -11.77 -6.34 -6.50
C GLN A 23 -10.69 -7.26 -5.96
N VAL A 24 -10.27 -8.15 -6.81
CA VAL A 24 -9.16 -9.05 -6.42
C VAL A 24 -7.94 -8.30 -6.94
N GLY A 25 -6.82 -8.47 -6.30
CA GLY A 25 -5.62 -7.70 -6.74
C GLY A 25 -5.35 -6.69 -5.63
N ASP A 26 -6.41 -6.03 -5.26
CA ASP A 26 -6.36 -5.01 -4.19
C ASP A 26 -6.20 -5.57 -2.79
N LEU A 27 -5.95 -4.61 -1.96
CA LEU A 27 -5.80 -4.81 -0.50
C LEU A 27 -6.82 -3.97 0.26
N THR A 28 -6.74 -4.05 1.55
CA THR A 28 -7.66 -3.30 2.45
C THR A 28 -6.83 -2.29 3.24
N PHE A 29 -5.98 -2.84 4.05
CA PHE A 29 -5.05 -2.10 4.96
C PHE A 29 -5.66 -0.90 5.72
N LYS A 30 -4.92 -0.47 6.70
CA LYS A 30 -5.32 0.68 7.52
C LYS A 30 -4.41 1.88 7.36
N LYS A 31 -4.62 2.76 8.27
CA LYS A 31 -3.92 4.06 8.38
C LYS A 31 -2.76 4.04 9.39
N GLY A 32 -1.92 5.03 9.22
CA GLY A 32 -0.70 5.28 10.04
C GLY A 32 -0.04 3.98 10.42
N GLU A 33 0.05 3.19 9.39
CA GLU A 33 0.73 1.87 9.56
C GLU A 33 1.85 1.82 8.55
N ILE A 34 2.64 0.78 8.56
CA ILE A 34 3.75 0.70 7.57
C ILE A 34 3.46 -0.36 6.50
N LEU A 35 3.53 0.09 5.27
CA LEU A 35 3.35 -0.82 4.10
C LEU A 35 4.62 -0.80 3.25
N LEU A 36 4.76 -1.74 2.36
CA LEU A 36 5.96 -1.78 1.47
C LEU A 36 5.43 -1.63 0.05
N VAL A 37 6.27 -1.29 -0.90
CA VAL A 37 5.79 -1.16 -2.30
C VAL A 37 6.33 -2.18 -3.28
N ILE A 38 5.49 -2.60 -4.18
CA ILE A 38 5.95 -3.48 -5.27
C ILE A 38 5.18 -3.01 -6.52
N GLU A 39 5.62 -1.90 -7.03
CA GLU A 39 5.11 -1.19 -8.25
C GLU A 39 4.82 0.26 -7.89
N LYS A 40 4.98 1.13 -8.85
CA LYS A 40 4.65 2.56 -8.60
C LYS A 40 3.69 3.12 -9.64
N LYS A 41 2.72 3.78 -9.09
CA LYS A 41 1.63 4.51 -9.82
C LYS A 41 1.76 4.61 -11.34
N PRO A 42 1.39 3.55 -11.99
CA PRO A 42 1.36 3.48 -13.45
C PRO A 42 0.17 4.35 -13.84
N ASP A 43 -0.95 3.97 -13.29
CA ASP A 43 -2.22 4.72 -13.52
C ASP A 43 -2.90 4.90 -12.17
N GLY A 44 -2.13 4.85 -11.12
CA GLY A 44 -2.71 4.99 -9.76
C GLY A 44 -2.33 3.86 -8.81
N TRP A 45 -1.92 2.72 -9.30
CA TRP A 45 -1.65 1.64 -8.31
C TRP A 45 -0.19 1.31 -8.01
N TRP A 46 -0.07 0.76 -6.85
CA TRP A 46 1.24 0.33 -6.32
C TRP A 46 0.91 -1.10 -5.89
N ILE A 47 1.79 -2.06 -5.93
CA ILE A 47 1.30 -3.40 -5.44
C ILE A 47 2.05 -3.58 -4.15
N ALA A 48 1.44 -3.05 -3.13
CA ALA A 48 2.10 -3.01 -1.80
C ALA A 48 2.04 -4.30 -1.05
N LYS A 49 2.71 -4.31 0.07
CA LYS A 49 2.68 -5.45 1.01
C LYS A 49 2.38 -4.84 2.38
N ASP A 50 2.04 -5.67 3.33
CA ASP A 50 1.77 -5.12 4.70
C ASP A 50 2.62 -5.85 5.74
N ALA A 51 2.23 -5.75 6.98
CA ALA A 51 3.00 -6.40 8.06
C ALA A 51 2.31 -7.70 8.50
N LYS A 52 1.68 -8.33 7.56
CA LYS A 52 1.03 -9.66 7.82
C LYS A 52 1.50 -10.63 6.73
N GLY A 53 1.70 -10.09 5.56
CA GLY A 53 2.15 -10.93 4.42
C GLY A 53 1.41 -10.53 3.14
N ASN A 54 0.15 -10.23 3.27
CA ASN A 54 -0.63 -9.87 2.04
C ASN A 54 -0.05 -8.71 1.26
N GLU A 55 -0.46 -8.69 0.02
CA GLU A 55 -0.02 -7.62 -0.90
C GLU A 55 -1.19 -7.20 -1.79
N GLY A 56 -1.06 -6.08 -2.47
CA GLY A 56 -2.17 -5.68 -3.37
C GLY A 56 -2.19 -4.21 -3.74
N LEU A 57 -3.10 -3.93 -4.64
CA LEU A 57 -3.30 -2.57 -5.16
C LEU A 57 -3.65 -1.49 -4.15
N VAL A 58 -2.64 -0.84 -3.66
CA VAL A 58 -2.91 0.31 -2.76
C VAL A 58 -2.52 1.46 -3.68
N PRO A 59 -3.15 2.59 -3.53
CA PRO A 59 -2.83 3.78 -4.34
C PRO A 59 -1.68 4.50 -3.65
N ARG A 60 -1.08 5.43 -4.34
CA ARG A 60 0.00 6.18 -3.62
C ARG A 60 -0.67 7.23 -2.75
N THR A 61 -1.74 7.78 -3.29
CA THR A 61 -2.54 8.83 -2.58
C THR A 61 -2.44 8.84 -1.04
N TYR A 62 -2.71 7.73 -0.39
CA TYR A 62 -2.61 7.71 1.11
C TYR A 62 -1.43 6.86 1.56
N LEU A 63 -0.31 7.10 0.92
CA LEU A 63 0.95 6.38 1.23
C LEU A 63 2.02 7.45 1.30
N GLU A 64 2.39 7.83 2.48
CA GLU A 64 3.42 8.89 2.59
C GLU A 64 4.73 8.18 2.93
N PRO A 65 5.85 8.72 2.54
CA PRO A 65 7.17 8.08 2.78
C PRO A 65 7.41 7.85 4.27
N TYR A 66 8.38 7.03 4.56
CA TYR A 66 8.70 6.73 5.99
C TYR A 66 10.14 7.11 6.29
N SER A 67 10.56 6.92 7.51
CA SER A 67 11.96 7.29 7.87
C SER A 67 12.78 6.04 8.17
N GLU A 68 12.34 4.95 7.60
CA GLU A 68 13.10 3.68 7.78
C GLU A 68 13.18 3.03 6.39
N THR A 9 13.93 -5.29 -0.88
CA THR A 9 12.96 -5.11 -1.99
C THR A 9 12.08 -3.89 -1.68
N GLY A 10 11.40 -3.42 -2.69
CA GLY A 10 10.52 -2.22 -2.56
C GLY A 10 11.03 -1.06 -1.71
N GLU A 11 10.15 -0.14 -1.44
CA GLU A 11 10.53 1.01 -0.59
C GLU A 11 9.56 1.02 0.59
N GLU A 12 9.84 1.80 1.60
CA GLU A 12 8.91 1.78 2.75
C GLU A 12 8.17 3.10 2.87
N TYR A 13 6.92 2.86 3.09
CA TYR A 13 5.90 3.91 3.26
C TYR A 13 5.08 3.51 4.46
N ILE A 14 4.19 4.38 4.83
CA ILE A 14 3.23 4.03 5.86
C ILE A 14 1.92 4.46 5.23
N ALA A 15 0.84 3.84 5.58
CA ALA A 15 -0.45 4.31 4.99
C ALA A 15 -0.89 5.33 5.99
N VAL A 16 -1.66 6.28 5.53
CA VAL A 16 -2.22 7.33 6.43
C VAL A 16 -3.70 7.41 6.17
N GLY A 17 -4.16 6.44 5.43
CA GLY A 17 -5.61 6.29 5.20
C GLY A 17 -5.92 4.80 5.32
N ASP A 18 -7.17 4.50 5.53
CA ASP A 18 -7.62 3.08 5.58
C ASP A 18 -8.25 2.84 4.22
N PHE A 19 -8.21 1.62 3.73
CA PHE A 19 -8.81 1.40 2.38
C PHE A 19 -9.70 0.16 2.44
N THR A 20 -10.34 -0.12 1.34
CA THR A 20 -11.19 -1.33 1.25
C THR A 20 -10.75 -2.09 -0.01
N ALA A 21 -11.02 -3.35 -0.07
CA ALA A 21 -10.65 -4.10 -1.31
C ALA A 21 -11.91 -4.23 -2.14
N GLN A 22 -11.69 -4.17 -3.42
CA GLN A 22 -12.79 -4.28 -4.40
C GLN A 22 -12.60 -5.61 -5.09
N GLN A 23 -11.35 -5.90 -5.30
CA GLN A 23 -10.98 -7.18 -5.97
C GLN A 23 -10.00 -7.93 -5.08
N VAL A 24 -9.71 -9.14 -5.45
CA VAL A 24 -8.70 -9.92 -4.67
C VAL A 24 -7.43 -9.10 -4.78
N GLY A 25 -7.18 -8.74 -6.01
CA GLY A 25 -6.05 -7.83 -6.38
C GLY A 25 -5.71 -6.81 -5.29
N ASP A 26 -6.74 -6.15 -4.85
CA ASP A 26 -6.60 -5.10 -3.82
C ASP A 26 -6.47 -5.66 -2.40
N LEU A 27 -6.03 -4.80 -1.52
CA LEU A 27 -5.94 -5.13 -0.08
C LEU A 27 -6.94 -4.19 0.59
N THR A 28 -7.07 -4.32 1.87
CA THR A 28 -8.01 -3.46 2.62
C THR A 28 -7.19 -2.47 3.41
N PHE A 29 -6.33 -3.06 4.23
CA PHE A 29 -5.40 -2.37 5.17
C PHE A 29 -5.84 -1.06 5.82
N LYS A 30 -5.11 -0.72 6.84
CA LYS A 30 -5.42 0.52 7.59
C LYS A 30 -4.39 1.60 7.38
N LYS A 31 -4.52 2.55 8.24
CA LYS A 31 -3.68 3.76 8.19
C LYS A 31 -2.63 3.82 9.30
N GLY A 32 -1.86 4.87 9.19
CA GLY A 32 -0.70 5.18 10.08
C GLY A 32 -0.04 3.90 10.51
N GLU A 33 0.10 3.09 9.50
CA GLU A 33 0.78 1.77 9.68
C GLU A 33 1.82 1.67 8.60
N ILE A 34 2.61 0.64 8.60
CA ILE A 34 3.71 0.57 7.60
C ILE A 34 3.43 -0.37 6.41
N LEU A 35 3.51 0.21 5.23
CA LEU A 35 3.31 -0.54 3.95
C LEU A 35 4.60 -0.53 3.11
N LEU A 36 4.75 -1.50 2.24
CA LEU A 36 5.99 -1.61 1.42
C LEU A 36 5.56 -1.39 -0.04
N VAL A 37 6.42 -0.88 -0.91
CA VAL A 37 6.00 -0.65 -2.32
C VAL A 37 6.64 -1.54 -3.35
N ILE A 38 5.81 -2.06 -4.20
CA ILE A 38 6.30 -2.95 -5.28
C ILE A 38 5.49 -2.68 -6.54
N GLU A 39 5.89 -1.60 -7.16
CA GLU A 39 5.42 -1.09 -8.50
C GLU A 39 4.86 0.31 -8.34
N LYS A 40 4.72 0.98 -9.46
CA LYS A 40 4.19 2.36 -9.44
C LYS A 40 2.80 2.42 -10.06
N LYS A 41 2.22 3.56 -9.81
CA LYS A 41 0.84 4.02 -10.21
C LYS A 41 0.62 4.86 -11.48
N PRO A 42 0.83 4.28 -12.64
CA PRO A 42 0.50 4.91 -13.93
C PRO A 42 -0.78 5.73 -13.76
N ASP A 43 -1.79 5.02 -13.31
CA ASP A 43 -3.12 5.62 -13.06
C ASP A 43 -3.60 5.48 -11.60
N GLY A 44 -2.70 5.33 -10.66
CA GLY A 44 -3.13 5.22 -9.23
C GLY A 44 -2.93 3.82 -8.64
N TRP A 45 -2.13 3.01 -9.28
CA TRP A 45 -1.90 1.63 -8.75
C TRP A 45 -0.46 1.12 -8.57
N TRP A 46 -0.09 0.96 -7.32
CA TRP A 46 1.26 0.48 -6.89
C TRP A 46 0.95 -0.94 -6.42
N ILE A 47 1.91 -1.84 -6.32
CA ILE A 47 1.48 -3.15 -5.73
C ILE A 47 2.28 -3.22 -4.43
N ALA A 48 1.57 -3.18 -3.34
CA ALA A 48 2.26 -3.04 -2.01
C ALA A 48 2.07 -4.23 -1.10
N LYS A 49 2.71 -4.18 0.04
CA LYS A 49 2.48 -5.21 1.07
C LYS A 49 2.12 -4.47 2.36
N ASP A 50 1.52 -5.18 3.26
CA ASP A 50 1.15 -4.58 4.57
C ASP A 50 1.81 -5.32 5.73
N ALA A 51 1.32 -5.05 6.91
CA ALA A 51 1.88 -5.72 8.11
C ALA A 51 0.95 -6.87 8.48
N LYS A 52 0.47 -7.52 7.45
CA LYS A 52 -0.42 -8.68 7.60
C LYS A 52 0.29 -9.88 6.97
N GLY A 53 0.98 -9.61 5.90
CA GLY A 53 1.73 -10.69 5.19
C GLY A 53 1.51 -10.62 3.67
N ASN A 54 0.32 -10.25 3.28
CA ASN A 54 0.01 -10.19 1.83
C ASN A 54 0.27 -8.85 1.14
N GLU A 55 0.07 -8.93 -0.15
CA GLU A 55 0.27 -7.74 -1.02
C GLU A 55 -1.04 -7.35 -1.69
N GLY A 56 -1.10 -6.13 -2.16
CA GLY A 56 -2.34 -5.67 -2.82
C GLY A 56 -2.04 -4.74 -3.97
N LEU A 57 -3.13 -4.18 -4.40
CA LEU A 57 -3.18 -3.16 -5.47
C LEU A 57 -3.64 -1.91 -4.77
N VAL A 58 -2.67 -1.19 -4.25
CA VAL A 58 -2.99 0.00 -3.43
C VAL A 58 -2.45 1.18 -4.19
N PRO A 59 -2.98 2.34 -3.94
CA PRO A 59 -2.53 3.57 -4.60
C PRO A 59 -1.41 4.16 -3.73
N ARG A 60 -0.90 5.27 -4.17
CA ARG A 60 0.12 5.97 -3.34
C ARG A 60 -0.66 7.10 -2.74
N THR A 61 -1.48 7.68 -3.59
CA THR A 61 -2.40 8.77 -3.12
C THR A 61 -2.64 8.90 -1.60
N TYR A 62 -2.90 7.80 -0.91
CA TYR A 62 -3.13 7.89 0.57
C TYR A 62 -1.99 7.26 1.39
N LEU A 63 -0.79 7.54 0.96
CA LEU A 63 0.45 7.01 1.62
C LEU A 63 1.44 8.14 1.85
N GLU A 64 2.37 7.87 2.72
CA GLU A 64 3.50 8.79 2.95
C GLU A 64 4.75 7.91 2.98
N PRO A 65 5.90 8.44 2.71
CA PRO A 65 7.16 7.66 2.76
C PRO A 65 7.47 7.40 4.24
N TYR A 66 8.44 6.55 4.51
CA TYR A 66 8.76 6.28 5.93
C TYR A 66 10.23 6.61 6.20
N SER A 67 10.61 6.55 7.45
CA SER A 67 12.01 6.85 7.83
C SER A 67 12.66 5.69 8.58
N GLU A 68 12.78 4.57 7.91
CA GLU A 68 13.44 3.40 8.55
C GLU A 68 14.72 3.07 7.78
N THR A 9 15.04 -3.26 -3.80
CA THR A 9 13.80 -3.89 -3.27
C THR A 9 12.81 -2.78 -2.91
N GLY A 10 11.58 -3.18 -2.65
CA GLY A 10 10.53 -2.21 -2.25
C GLY A 10 10.90 -1.18 -1.20
N GLU A 11 10.01 -0.25 -1.05
CA GLU A 11 10.24 0.85 -0.06
C GLU A 11 9.10 0.84 0.93
N GLU A 12 9.31 1.36 2.11
CA GLU A 12 8.20 1.32 3.10
C GLU A 12 7.55 2.68 3.26
N TYR A 13 6.25 2.64 3.12
CA TYR A 13 5.43 3.85 3.27
C TYR A 13 4.46 3.51 4.36
N ILE A 14 3.67 4.47 4.76
CA ILE A 14 2.60 4.17 5.69
C ILE A 14 1.38 4.69 4.98
N ALA A 15 0.28 4.04 5.16
CA ALA A 15 -0.93 4.62 4.52
C ALA A 15 -1.39 5.59 5.57
N VAL A 16 -2.13 6.58 5.14
CA VAL A 16 -2.67 7.60 6.08
C VAL A 16 -4.18 7.60 5.96
N GLY A 17 -4.66 6.73 5.12
CA GLY A 17 -6.12 6.59 4.95
C GLY A 17 -6.44 5.11 5.18
N ASP A 18 -7.71 4.82 5.32
CA ASP A 18 -8.10 3.40 5.53
C ASP A 18 -8.71 2.83 4.27
N PHE A 19 -8.02 1.88 3.71
CA PHE A 19 -8.51 1.25 2.45
C PHE A 19 -8.90 -0.17 2.76
N THR A 20 -9.81 -0.66 1.95
CA THR A 20 -10.28 -2.05 2.08
C THR A 20 -10.18 -2.67 0.69
N ALA A 21 -10.15 -3.97 0.62
CA ALA A 21 -10.11 -4.59 -0.74
C ALA A 21 -11.50 -4.99 -1.16
N GLN A 22 -12.05 -4.18 -2.04
CA GLN A 22 -13.43 -4.43 -2.52
C GLN A 22 -13.39 -4.69 -4.03
N GLN A 23 -12.21 -4.65 -4.61
CA GLN A 23 -12.13 -4.84 -6.08
C GLN A 23 -11.23 -6.04 -6.39
N VAL A 24 -11.10 -6.31 -7.67
CA VAL A 24 -10.26 -7.44 -8.19
C VAL A 24 -9.15 -7.78 -7.20
N GLY A 25 -8.16 -6.93 -7.15
CA GLY A 25 -7.10 -7.11 -6.12
C GLY A 25 -6.87 -5.77 -5.47
N ASP A 26 -6.66 -5.92 -4.20
CA ASP A 26 -6.42 -4.83 -3.25
C ASP A 26 -5.93 -5.45 -1.93
N LEU A 27 -5.68 -4.59 -0.97
CA LEU A 27 -5.41 -5.05 0.44
C LEU A 27 -6.28 -4.20 1.35
N THR A 28 -6.25 -4.53 2.62
CA THR A 28 -7.02 -3.75 3.62
C THR A 28 -6.09 -3.20 4.69
N PHE A 29 -5.69 -1.97 4.53
CA PHE A 29 -4.79 -1.33 5.52
C PHE A 29 -5.46 -0.14 6.14
N LYS A 30 -4.87 0.36 7.19
CA LYS A 30 -5.49 1.54 7.85
C LYS A 30 -4.59 2.74 8.04
N LYS A 31 -5.32 3.81 8.02
CA LYS A 31 -4.88 5.18 8.36
C LYS A 31 -3.69 5.30 9.32
N GLY A 32 -2.53 5.09 8.78
CA GLY A 32 -1.28 5.24 9.58
C GLY A 32 -0.59 3.90 9.84
N GLU A 33 -0.43 3.10 8.83
CA GLU A 33 0.28 1.80 9.09
C GLU A 33 1.24 1.51 7.95
N ILE A 34 2.31 0.80 8.17
CA ILE A 34 3.27 0.56 7.08
C ILE A 34 2.98 -0.59 6.11
N LEU A 35 3.22 -0.25 4.87
CA LEU A 35 3.10 -1.22 3.74
C LEU A 35 4.46 -1.14 3.03
N LEU A 36 4.68 -2.00 2.07
CA LEU A 36 5.95 -1.95 1.28
C LEU A 36 5.60 -1.65 -0.16
N VAL A 37 6.55 -1.21 -0.94
CA VAL A 37 6.22 -0.90 -2.36
C VAL A 37 6.86 -1.74 -3.42
N ILE A 38 5.97 -2.28 -4.20
CA ILE A 38 6.35 -3.08 -5.36
C ILE A 38 5.49 -2.65 -6.54
N GLU A 39 5.91 -1.55 -7.06
CA GLU A 39 5.42 -0.86 -8.30
C GLU A 39 4.84 0.51 -7.95
N LYS A 40 4.68 1.33 -8.96
CA LYS A 40 4.09 2.67 -8.77
C LYS A 40 2.69 2.71 -9.39
N LYS A 41 2.11 3.88 -9.31
CA LYS A 41 0.73 4.32 -9.76
C LYS A 41 0.58 4.89 -11.18
N PRO A 42 0.64 4.03 -12.16
CA PRO A 42 0.39 4.39 -13.57
C PRO A 42 -0.86 5.27 -13.58
N ASP A 43 -1.88 4.69 -13.02
CA ASP A 43 -3.19 5.38 -12.92
C ASP A 43 -3.69 5.37 -11.46
N GLY A 44 -2.77 5.25 -10.53
CA GLY A 44 -3.18 5.23 -9.09
C GLY A 44 -2.97 3.85 -8.51
N TRP A 45 -2.21 3.02 -9.19
CA TRP A 45 -1.98 1.64 -8.66
C TRP A 45 -0.55 1.11 -8.50
N TRP A 46 -0.12 1.12 -7.27
CA TRP A 46 1.26 0.70 -6.84
C TRP A 46 0.95 -0.74 -6.42
N ILE A 47 1.89 -1.66 -6.38
CA ILE A 47 1.44 -2.97 -5.81
C ILE A 47 2.24 -2.99 -4.53
N ALA A 48 1.68 -3.45 -3.45
CA ALA A 48 2.42 -3.35 -2.15
C ALA A 48 2.40 -4.65 -1.36
N LYS A 49 3.00 -4.61 -0.20
CA LYS A 49 2.91 -5.76 0.75
C LYS A 49 2.46 -5.17 2.07
N ASP A 50 2.11 -6.02 3.00
CA ASP A 50 1.67 -5.52 4.34
C ASP A 50 2.52 -6.17 5.43
N ALA A 51 2.00 -6.19 6.63
CA ALA A 51 2.74 -6.82 7.76
C ALA A 51 2.12 -8.18 8.10
N LYS A 52 1.73 -8.88 7.07
CA LYS A 52 1.15 -10.25 7.24
C LYS A 52 1.84 -11.20 6.25
N GLY A 53 2.11 -10.67 5.09
CA GLY A 53 2.74 -11.50 4.02
C GLY A 53 2.03 -11.26 2.68
N ASN A 54 0.82 -10.80 2.74
CA ASN A 54 0.07 -10.57 1.48
C ASN A 54 0.48 -9.29 0.78
N GLU A 55 0.08 -9.24 -0.46
CA GLU A 55 0.38 -8.08 -1.31
C GLU A 55 -0.92 -7.49 -1.85
N GLY A 56 -0.84 -6.24 -2.23
CA GLY A 56 -2.05 -5.54 -2.71
C GLY A 56 -1.87 -4.71 -3.96
N LEU A 57 -2.95 -4.04 -4.16
CA LEU A 57 -3.11 -3.06 -5.26
C LEU A 57 -3.57 -1.80 -4.54
N VAL A 58 -2.58 -1.06 -4.12
CA VAL A 58 -2.85 0.13 -3.28
C VAL A 58 -2.38 1.32 -4.08
N PRO A 59 -2.90 2.48 -3.80
CA PRO A 59 -2.48 3.69 -4.51
C PRO A 59 -1.37 4.28 -3.67
N ARG A 60 -0.78 5.33 -4.17
CA ARG A 60 0.25 6.03 -3.36
C ARG A 60 -0.39 7.33 -2.97
N THR A 61 -1.26 7.80 -3.83
CA THR A 61 -2.11 8.98 -3.48
C THR A 61 -2.30 9.19 -1.96
N TYR A 62 -2.63 8.14 -1.23
CA TYR A 62 -2.84 8.29 0.24
C TYR A 62 -1.75 7.56 1.05
N LEU A 63 -0.53 7.81 0.69
CA LEU A 63 0.64 7.18 1.37
C LEU A 63 1.70 8.23 1.70
N GLU A 64 2.51 7.92 2.67
CA GLU A 64 3.68 8.78 3.03
C GLU A 64 4.88 7.86 3.14
N PRO A 65 6.08 8.35 3.00
CA PRO A 65 7.29 7.49 3.13
C PRO A 65 7.49 7.14 4.61
N TYR A 66 8.21 6.09 4.86
CA TYR A 66 8.46 5.70 6.28
C TYR A 66 9.91 5.29 6.43
N SER A 67 10.78 6.21 6.12
CA SER A 67 12.24 5.93 6.19
C SER A 67 12.77 6.53 7.48
N GLU A 68 12.22 6.01 8.53
CA GLU A 68 12.57 6.45 9.91
C GLU A 68 13.16 5.29 10.70
N THR A 9 11.45 -5.52 -5.57
CA THR A 9 11.30 -5.17 -4.13
C THR A 9 10.56 -3.83 -4.02
N GLY A 10 10.12 -3.53 -2.83
CA GLY A 10 9.38 -2.25 -2.60
C GLY A 10 10.11 -1.30 -1.67
N GLU A 11 9.41 -0.23 -1.38
CA GLU A 11 9.97 0.84 -0.50
C GLU A 11 9.01 0.91 0.68
N GLU A 12 9.38 1.57 1.73
CA GLU A 12 8.44 1.59 2.89
C GLU A 12 7.70 2.90 3.04
N TYR A 13 6.42 2.74 2.90
CA TYR A 13 5.46 3.85 3.06
C TYR A 13 4.54 3.33 4.14
N ILE A 14 3.64 4.17 4.56
CA ILE A 14 2.60 3.72 5.48
C ILE A 14 1.34 4.24 4.85
N ALA A 15 0.25 3.57 5.06
CA ALA A 15 -0.99 4.14 4.51
C ALA A 15 -1.37 5.17 5.53
N VAL A 16 -2.05 6.19 5.08
CA VAL A 16 -2.55 7.25 6.00
C VAL A 16 -4.02 7.46 5.70
N GLY A 17 -4.54 6.56 4.91
CA GLY A 17 -5.99 6.58 4.59
C GLY A 17 -6.49 5.17 4.93
N ASP A 18 -7.78 5.02 5.04
CA ASP A 18 -8.31 3.68 5.38
C ASP A 18 -8.93 3.05 4.14
N PHE A 19 -8.08 2.44 3.36
CA PHE A 19 -8.57 1.78 2.12
C PHE A 19 -8.57 0.28 2.35
N THR A 20 -9.78 -0.21 2.31
CA THR A 20 -10.05 -1.66 2.53
C THR A 20 -10.24 -2.27 1.15
N ALA A 21 -9.98 -3.54 1.03
CA ALA A 21 -10.16 -4.14 -0.31
C ALA A 21 -11.63 -4.53 -0.42
N GLN A 22 -12.21 -4.11 -1.49
CA GLN A 22 -13.66 -4.39 -1.72
C GLN A 22 -13.70 -5.44 -2.82
N GLN A 23 -12.70 -5.38 -3.64
CA GLN A 23 -12.56 -6.34 -4.77
C GLN A 23 -11.26 -7.09 -4.54
N VAL A 24 -10.94 -7.92 -5.48
CA VAL A 24 -9.66 -8.68 -5.36
C VAL A 24 -8.59 -7.81 -5.99
N GLY A 25 -7.38 -7.95 -5.53
CA GLY A 25 -6.28 -7.11 -6.06
C GLY A 25 -5.78 -6.20 -4.96
N ASP A 26 -6.72 -5.50 -4.37
CA ASP A 26 -6.42 -4.56 -3.26
C ASP A 26 -6.22 -5.29 -1.93
N LEU A 27 -5.75 -4.55 -0.97
CA LEU A 27 -5.56 -5.12 0.41
C LEU A 27 -6.37 -4.31 1.42
N THR A 28 -6.32 -4.78 2.63
CA THR A 28 -7.07 -4.12 3.73
C THR A 28 -6.15 -3.57 4.81
N PHE A 29 -5.83 -2.32 4.63
CA PHE A 29 -4.96 -1.63 5.62
C PHE A 29 -5.63 -0.33 6.03
N LYS A 30 -5.11 0.23 7.08
CA LYS A 30 -5.68 1.48 7.61
C LYS A 30 -4.74 2.65 7.78
N LYS A 31 -5.45 3.74 7.84
CA LYS A 31 -4.94 5.10 8.12
C LYS A 31 -3.81 5.21 9.14
N GLY A 32 -2.63 4.89 8.69
CA GLY A 32 -1.41 5.05 9.53
C GLY A 32 -0.70 3.75 9.90
N GLU A 33 -0.47 2.90 8.95
CA GLU A 33 0.32 1.67 9.29
C GLU A 33 1.31 1.42 8.16
N ILE A 34 2.36 0.69 8.42
CA ILE A 34 3.40 0.48 7.39
C ILE A 34 3.14 -0.67 6.40
N LEU A 35 3.36 -0.34 5.16
CA LEU A 35 3.27 -1.31 4.03
C LEU A 35 4.49 -1.10 3.10
N LEU A 36 4.70 -2.01 2.18
CA LEU A 36 5.81 -1.85 1.20
C LEU A 36 5.15 -1.49 -0.12
N VAL A 37 5.82 -0.82 -1.02
CA VAL A 37 5.14 -0.49 -2.29
C VAL A 37 5.98 -1.05 -3.44
N ILE A 38 5.35 -1.72 -4.37
CA ILE A 38 6.12 -2.42 -5.44
C ILE A 38 5.44 -2.28 -6.81
N GLU A 39 5.66 -1.14 -7.40
CA GLU A 39 5.26 -0.72 -8.80
C GLU A 39 4.70 0.69 -8.76
N LYS A 40 4.89 1.48 -9.79
CA LYS A 40 4.51 2.95 -9.71
C LYS A 40 3.25 3.46 -10.41
N LYS A 41 2.23 3.69 -9.62
CA LYS A 41 0.89 4.21 -10.06
C LYS A 41 0.66 4.84 -11.43
N PRO A 42 0.53 3.98 -12.41
CA PRO A 42 0.14 4.36 -13.78
C PRO A 42 -1.04 5.31 -13.66
N ASP A 43 -2.05 4.75 -13.05
CA ASP A 43 -3.32 5.47 -12.83
C ASP A 43 -3.66 5.54 -11.35
N GLY A 44 -2.66 5.38 -10.52
CA GLY A 44 -2.89 5.44 -9.05
C GLY A 44 -2.62 4.09 -8.39
N TRP A 45 -2.01 3.16 -9.10
CA TRP A 45 -1.75 1.85 -8.41
C TRP A 45 -0.34 1.27 -8.40
N TRP A 46 0.02 0.82 -7.22
CA TRP A 46 1.32 0.18 -6.95
C TRP A 46 0.97 -1.22 -6.45
N ILE A 47 1.91 -2.14 -6.43
CA ILE A 47 1.54 -3.48 -5.87
C ILE A 47 2.27 -3.53 -4.53
N ALA A 48 1.54 -3.53 -3.46
CA ALA A 48 2.18 -3.44 -2.12
C ALA A 48 2.13 -4.72 -1.34
N LYS A 49 2.68 -4.67 -0.16
CA LYS A 49 2.57 -5.80 0.78
C LYS A 49 2.20 -5.19 2.12
N ASP A 50 1.76 -6.02 3.02
CA ASP A 50 1.36 -5.47 4.35
C ASP A 50 2.28 -6.04 5.43
N ALA A 51 1.83 -5.98 6.66
CA ALA A 51 2.65 -6.51 7.77
C ALA A 51 2.21 -7.95 8.11
N LYS A 52 1.91 -8.68 7.07
CA LYS A 52 1.51 -10.11 7.23
C LYS A 52 2.28 -10.94 6.20
N GLY A 53 2.43 -10.36 5.04
CA GLY A 53 3.13 -11.06 3.92
C GLY A 53 2.34 -10.84 2.63
N ASN A 54 1.04 -10.89 2.71
CA ASN A 54 0.20 -10.70 1.49
C ASN A 54 0.53 -9.44 0.72
N GLU A 55 0.05 -9.44 -0.50
CA GLU A 55 0.27 -8.28 -1.38
C GLU A 55 -1.06 -7.71 -1.87
N GLY A 56 -1.02 -6.46 -2.27
CA GLY A 56 -2.24 -5.76 -2.72
C GLY A 56 -1.97 -4.82 -3.88
N LEU A 57 -2.97 -4.00 -4.06
CA LEU A 57 -2.96 -2.92 -5.08
C LEU A 57 -3.26 -1.62 -4.34
N VAL A 58 -2.22 -0.97 -3.90
CA VAL A 58 -2.43 0.29 -3.11
C VAL A 58 -1.83 1.44 -3.89
N PRO A 59 -2.32 2.63 -3.67
CA PRO A 59 -1.87 3.85 -4.38
C PRO A 59 -0.70 4.52 -3.64
N ARG A 60 -0.18 5.56 -4.23
CA ARG A 60 0.87 6.33 -3.48
C ARG A 60 0.08 7.48 -2.89
N THR A 61 -0.81 7.98 -3.71
CA THR A 61 -1.75 9.08 -3.29
C THR A 61 -2.02 9.18 -1.77
N TYR A 62 -2.47 8.10 -1.17
CA TYR A 62 -2.78 8.14 0.30
C TYR A 62 -1.80 7.22 1.04
N LEU A 63 -0.58 7.39 0.66
CA LEU A 63 0.56 6.61 1.22
C LEU A 63 1.66 7.63 1.47
N GLU A 64 2.21 7.65 2.66
CA GLU A 64 3.32 8.61 2.93
C GLU A 64 4.56 7.76 3.18
N PRO A 65 5.73 8.31 2.99
CA PRO A 65 6.99 7.55 3.20
C PRO A 65 7.11 7.16 4.68
N TYR A 66 8.02 6.27 4.96
CA TYR A 66 8.21 5.83 6.38
C TYR A 66 9.67 6.04 6.77
N SER A 67 9.97 5.85 8.04
CA SER A 67 11.36 5.99 8.52
C SER A 67 11.84 4.64 9.01
N GLU A 68 11.64 3.66 8.17
CA GLU A 68 12.07 2.26 8.43
C GLU A 68 13.25 2.09 9.38
#